data_6FWA
#
_entry.id   6FWA
#
_cell.length_a   151.344
_cell.length_b   172.418
_cell.length_c   94.269
_cell.angle_alpha   90.00
_cell.angle_beta   90.00
_cell.angle_gamma   90.00
#
_symmetry.space_group_name_H-M   'C 2 2 21'
#
loop_
_entity.id
_entity.type
_entity.pdbx_description
1 polymer 'Flavin-dependent L-tryptophan oxidase VioA'
2 non-polymer 'FLAVIN-ADENINE DINUCLEOTIDE'
3 non-polymer 7-Methyl-L-Tryptophan
4 non-polymer 'MAGNESIUM ION'
5 water water
#
_entity_poly.entity_id   1
_entity_poly.type   'polypeptide(L)'
_entity_poly.pdbx_seq_one_letter_code
;KHSSDICIVGAGISGLTCASHLLDSPACRGLSLRIFDMQQEAGGRIRSKMLDGKASIELGAGRYSPQLHPHFQSAMQHYS
QKSEVYPFTQLKFKSHVQQKLKRAMNELSPRLKEHGKESFLQFVSRYQGHDSAVGMIRSMGYDALFLPDISAEMAYDIVG
KHPEIQSVTDNDANQWFAAETGFAGLIQGIKAKVKAAGARFSLGYRLLSVRTDGDGYLLQLAGDDGWKLEHRTRHLILAI
PPSAMAGLNVDFPEAWSGARYGSLPLFKGFLTYGEPWWLDYKLDDQVLIVDNPLRKIYFKGDKYLFFYTDSEMANYWRGC
VAEGEDGYLEQIRTHLASALGIVRERIPQPLAHVHKYWAHGVEFCRDSDIDHPSALSHRDSGIIACSDAYTEHCGWMEGG
LLSAREASRLLLQRIAA
;
_entity_poly.pdbx_strand_id   B,A
#
loop_
_chem_comp.id
_chem_comp.type
_chem_comp.name
_chem_comp.formula
FAD non-polymer 'FLAVIN-ADENINE DINUCLEOTIDE' 'C27 H33 N9 O15 P2'
MG non-polymer 'MAGNESIUM ION' 'Mg 2'
#
# COMPACT_ATOMS: atom_id res chain seq x y z
N LYS A 1 8.41 -16.02 15.52
CA LYS A 1 7.04 -15.66 15.88
C LYS A 1 6.28 -16.84 16.53
N HIS A 2 5.09 -17.13 16.00
CA HIS A 2 4.17 -18.10 16.55
C HIS A 2 4.01 -19.29 15.58
N SER A 3 3.02 -20.14 15.85
CA SER A 3 2.72 -21.30 15.01
C SER A 3 1.22 -21.59 15.02
N SER A 4 0.77 -22.47 14.12
CA SER A 4 -0.65 -22.81 14.04
C SER A 4 -0.86 -24.21 13.44
N ASP A 5 -2.06 -24.73 13.66
CA ASP A 5 -2.47 -26.02 13.10
C ASP A 5 -2.89 -25.89 11.65
N ILE A 6 -3.76 -24.93 11.36
CA ILE A 6 -4.18 -24.63 10.00
C ILE A 6 -3.81 -23.20 9.67
N CYS A 7 -3.50 -22.98 8.42
CA CYS A 7 -3.01 -21.69 7.96
C CYS A 7 -3.62 -21.42 6.58
N ILE A 8 -4.66 -20.63 6.54
CA ILE A 8 -5.19 -20.16 5.29
C ILE A 8 -4.53 -18.83 4.89
N VAL A 9 -4.01 -18.80 3.67
CA VAL A 9 -3.41 -17.62 3.06
C VAL A 9 -4.38 -17.09 2.02
N GLY A 10 -4.79 -15.86 2.16
CA GLY A 10 -5.74 -15.26 1.24
C GLY A 10 -7.03 -15.09 1.98
N ALA A 11 -7.58 -13.88 2.02
CA ALA A 11 -8.78 -13.63 2.79
C ALA A 11 -9.74 -12.77 1.98
N GLY A 12 -10.03 -13.25 0.76
CA GLY A 12 -11.24 -12.93 0.06
C GLY A 12 -12.26 -14.03 0.30
N ILE A 13 -13.32 -14.01 -0.52
CA ILE A 13 -14.48 -14.85 -0.24
C ILE A 13 -14.09 -16.32 -0.18
N SER A 14 -13.28 -16.79 -1.11
CA SER A 14 -12.95 -18.21 -1.04
C SER A 14 -12.14 -18.51 0.22
N GLY A 15 -11.20 -17.63 0.56
CA GLY A 15 -10.39 -17.84 1.76
C GLY A 15 -11.18 -17.79 3.06
N LEU A 16 -12.08 -16.81 3.18
CA LEU A 16 -12.82 -16.63 4.42
C LEU A 16 -14.00 -17.59 4.60
N THR A 17 -14.60 -18.10 3.52
CA THR A 17 -15.59 -19.15 3.76
C THR A 17 -14.91 -20.48 3.98
N CYS A 18 -13.80 -20.71 3.28
CA CYS A 18 -12.92 -21.84 3.60
C CYS A 18 -12.77 -22.00 5.09
N ALA A 19 -12.36 -20.92 5.76
CA ALA A 19 -12.09 -20.98 7.19
C ALA A 19 -13.35 -21.26 7.99
N SER A 20 -14.48 -20.67 7.59
CA SER A 20 -15.70 -20.85 8.35
C SER A 20 -16.29 -22.26 8.16
N HIS A 21 -16.02 -22.90 7.03
CA HIS A 21 -16.43 -24.28 6.90
C HIS A 21 -15.53 -25.21 7.70
N LEU A 22 -14.31 -24.79 8.01
CA LEU A 22 -13.39 -25.52 8.85
C LEU A 22 -13.62 -25.25 10.33
N LEU A 23 -14.56 -24.40 10.68
CA LEU A 23 -14.83 -24.10 12.07
C LEU A 23 -16.22 -24.52 12.51
N ASP A 24 -17.20 -24.43 11.61
CA ASP A 24 -18.50 -25.08 11.78
C ASP A 24 -18.30 -26.52 12.21
N SER A 25 -17.17 -27.11 11.79
CA SER A 25 -16.77 -28.49 12.01
C SER A 25 -16.29 -28.69 13.45
N PRO A 26 -16.74 -29.75 14.11
CA PRO A 26 -16.07 -30.16 15.36
C PRO A 26 -14.75 -30.89 15.14
N ALA A 27 -14.45 -31.39 13.94
CA ALA A 27 -13.18 -32.05 13.70
C ALA A 27 -11.99 -31.10 13.80
N CYS A 28 -12.26 -29.81 14.00
CA CYS A 28 -11.23 -28.84 14.37
C CYS A 28 -11.54 -28.21 15.72
N ARG A 29 -12.27 -28.93 16.57
CA ARG A 29 -12.51 -28.53 17.95
C ARG A 29 -11.21 -28.04 18.59
N GLY A 30 -11.23 -26.79 19.06
CA GLY A 30 -10.09 -26.16 19.71
C GLY A 30 -8.78 -26.15 18.95
N LEU A 31 -8.81 -26.17 17.62
CA LEU A 31 -7.59 -26.04 16.85
C LEU A 31 -7.32 -24.58 16.45
N SER A 32 -6.05 -24.25 16.35
CA SER A 32 -5.62 -22.89 16.08
C SER A 32 -5.48 -22.68 14.58
N LEU A 33 -6.15 -21.66 14.08
CA LEU A 33 -6.14 -21.34 12.67
C LEU A 33 -5.66 -19.91 12.49
N ARG A 34 -4.73 -19.70 11.56
CA ARG A 34 -4.28 -18.34 11.25
C ARG A 34 -4.54 -18.00 9.79
N ILE A 35 -5.02 -16.78 9.56
CA ILE A 35 -5.24 -16.21 8.22
C ILE A 35 -4.16 -15.14 7.92
N PHE A 36 -3.39 -15.31 6.85
CA PHE A 36 -2.62 -14.22 6.24
C PHE A 36 -3.27 -13.73 4.94
N ASP A 37 -3.27 -12.41 4.76
CA ASP A 37 -3.67 -11.74 3.53
C ASP A 37 -2.72 -10.55 3.29
N MET A 38 -2.46 -10.18 2.05
CA MET A 38 -1.63 -9.04 1.72
C MET A 38 -2.16 -7.67 2.03
N GLN A 39 -3.43 -7.41 1.78
CA GLN A 39 -4.00 -6.09 1.93
C GLN A 39 -4.27 -5.66 3.35
N GLN A 40 -4.48 -4.37 3.61
CA GLN A 40 -4.75 -4.08 5.00
C GLN A 40 -6.19 -4.43 5.34
N GLU A 41 -7.05 -4.57 4.33
CA GLU A 41 -8.45 -4.93 4.51
C GLU A 41 -8.74 -6.35 4.00
N ALA A 42 -9.75 -6.98 4.59
CA ALA A 42 -10.22 -8.24 4.01
C ALA A 42 -11.17 -7.95 2.86
N GLY A 43 -11.16 -8.84 1.86
CA GLY A 43 -12.09 -8.73 0.76
C GLY A 43 -11.58 -9.36 -0.51
N GLY A 44 -10.27 -9.37 -0.72
CA GLY A 44 -9.75 -9.84 -2.01
C GLY A 44 -10.13 -8.86 -3.12
N ARG A 45 -10.71 -9.41 -4.22
CA ARG A 45 -11.25 -8.64 -5.33
C ARG A 45 -12.62 -8.08 -5.06
N ILE A 46 -12.95 -7.89 -3.82
CA ILE A 46 -14.22 -7.31 -3.51
C ILE A 46 -13.87 -6.09 -2.72
N ARG A 47 -14.35 -4.94 -3.15
CA ARG A 47 -14.06 -3.74 -2.44
C ARG A 47 -15.19 -2.75 -2.60
N SER A 48 -15.60 -2.12 -1.52
CA SER A 48 -16.67 -1.14 -1.54
C SER A 48 -16.15 0.18 -1.02
N LYS A 49 -16.81 1.27 -1.36
CA LYS A 49 -16.27 2.55 -0.91
C LYS A 49 -17.42 3.54 -0.77
N MET A 50 -17.15 4.63 -0.05
CA MET A 50 -17.97 5.84 -0.11
C MET A 50 -17.12 6.95 -0.71
N LEU A 51 -17.58 7.51 -1.83
CA LEU A 51 -17.02 8.74 -2.39
C LEU A 51 -17.97 9.88 -2.05
N ASP A 52 -17.41 10.98 -1.51
CA ASP A 52 -18.19 12.12 -1.06
C ASP A 52 -19.10 11.74 0.11
N GLY A 53 -18.99 10.49 0.58
CA GLY A 53 -19.94 9.98 1.56
C GLY A 53 -21.38 10.04 1.09
N LYS A 54 -21.59 10.22 -0.22
CA LYS A 54 -22.92 10.42 -0.81
C LYS A 54 -23.60 9.11 -1.19
N ALA A 55 -22.84 8.14 -1.69
CA ALA A 55 -23.40 6.85 -2.10
C ALA A 55 -22.30 5.79 -2.12
N SER A 56 -22.70 4.54 -1.88
CA SER A 56 -21.77 3.41 -1.72
C SER A 56 -21.57 2.72 -3.06
N ILE A 57 -20.41 2.97 -3.69
CA ILE A 57 -20.03 2.39 -4.96
C ILE A 57 -19.25 1.11 -4.71
N GLU A 58 -19.02 0.35 -5.78
CA GLU A 58 -18.34 -0.94 -5.70
C GLU A 58 -17.26 -0.98 -6.77
N LEU A 59 -16.00 -0.94 -6.36
CA LEU A 59 -14.84 -0.99 -7.26
C LEU A 59 -14.58 -2.38 -7.83
N GLY A 60 -15.29 -3.41 -7.37
CA GLY A 60 -15.11 -4.74 -7.89
C GLY A 60 -16.43 -5.41 -8.13
N ALA A 61 -16.54 -6.67 -7.70
CA ALA A 61 -17.75 -7.46 -7.87
C ALA A 61 -18.99 -6.69 -7.44
N GLY A 62 -20.05 -6.76 -8.25
CA GLY A 62 -21.18 -5.89 -8.01
C GLY A 62 -22.56 -6.48 -8.22
N ARG A 63 -22.63 -7.68 -8.81
CA ARG A 63 -23.90 -8.26 -9.22
C ARG A 63 -23.94 -9.76 -9.00
N TYR A 64 -25.14 -10.27 -8.75
CA TYR A 64 -25.38 -11.71 -8.76
C TYR A 64 -26.82 -11.95 -9.19
N SER A 65 -27.07 -13.17 -9.67
CA SER A 65 -28.42 -13.61 -9.93
C SER A 65 -28.70 -14.87 -9.12
N PRO A 66 -29.84 -14.91 -8.41
CA PRO A 66 -30.20 -16.15 -7.69
C PRO A 66 -30.43 -17.31 -8.62
N GLN A 67 -30.93 -17.06 -9.83
CA GLN A 67 -31.14 -18.13 -10.80
C GLN A 67 -29.81 -18.79 -11.16
N LEU A 68 -28.76 -18.00 -11.28
CA LEU A 68 -27.48 -18.57 -11.68
C LEU A 68 -26.51 -18.79 -10.51
N HIS A 69 -26.67 -18.06 -9.39
CA HIS A 69 -25.75 -18.17 -8.24
C HIS A 69 -26.50 -18.56 -6.96
N PRO A 70 -26.87 -19.83 -6.81
CA PRO A 70 -27.63 -20.23 -5.60
C PRO A 70 -26.85 -20.09 -4.30
N HIS A 71 -25.64 -20.66 -4.21
CA HIS A 71 -24.90 -20.64 -2.96
C HIS A 71 -24.64 -19.23 -2.49
N PHE A 72 -24.41 -18.31 -3.44
CA PHE A 72 -24.25 -16.90 -3.09
C PHE A 72 -25.55 -16.29 -2.59
N GLN A 73 -26.66 -16.56 -3.30
CA GLN A 73 -27.96 -16.08 -2.81
C GLN A 73 -28.21 -16.55 -1.38
N SER A 74 -27.84 -17.80 -1.07
CA SER A 74 -28.02 -18.32 0.28
C SER A 74 -27.04 -17.68 1.26
N ALA A 75 -25.79 -17.48 0.85
CA ALA A 75 -24.81 -16.85 1.73
C ALA A 75 -25.24 -15.45 2.15
N MET A 76 -25.98 -14.74 1.30
CA MET A 76 -26.49 -13.44 1.70
C MET A 76 -27.48 -13.59 2.85
N GLN A 77 -28.59 -14.29 2.61
CA GLN A 77 -29.57 -14.51 3.68
CA GLN A 77 -29.58 -14.56 3.66
C GLN A 77 -28.93 -15.16 4.90
N HIS A 78 -28.00 -16.12 4.70
CA HIS A 78 -27.28 -16.76 5.80
C HIS A 78 -26.67 -15.73 6.74
N TYR A 79 -26.26 -14.57 6.21
CA TYR A 79 -25.61 -13.53 7.00
C TYR A 79 -26.45 -12.27 7.10
N SER A 80 -27.76 -12.40 6.95
CA SER A 80 -28.72 -11.28 7.06
C SER A 80 -28.31 -10.06 6.21
N GLN A 81 -27.85 -10.32 4.99
CA GLN A 81 -27.34 -9.29 4.09
C GLN A 81 -28.42 -8.90 3.09
N LYS A 82 -28.91 -7.67 3.19
CA LYS A 82 -30.03 -7.21 2.39
C LYS A 82 -29.62 -6.86 0.97
N SER A 83 -30.31 -7.44 0.00
CA SER A 83 -30.10 -7.22 -1.43
C SER A 83 -31.06 -6.17 -1.96
N GLU A 84 -30.82 -5.79 -3.21
CA GLU A 84 -31.68 -4.86 -3.92
C GLU A 84 -31.58 -5.17 -5.42
N VAL A 85 -32.61 -4.73 -6.14
CA VAL A 85 -32.69 -4.94 -7.58
C VAL A 85 -31.58 -4.18 -8.29
N TYR A 86 -30.98 -4.83 -9.28
CA TYR A 86 -29.84 -4.27 -9.98
C TYR A 86 -30.30 -3.68 -11.32
N PRO A 87 -30.32 -2.35 -11.47
CA PRO A 87 -31.08 -1.72 -12.58
C PRO A 87 -30.56 -2.00 -13.98
N PHE A 88 -29.26 -2.20 -14.20
CA PHE A 88 -28.69 -2.09 -15.54
C PHE A 88 -28.92 -3.37 -16.33
N THR A 89 -30.15 -3.51 -16.83
CA THR A 89 -30.45 -4.69 -17.64
C THR A 89 -31.54 -4.44 -18.68
N GLN A 90 -31.33 -3.45 -19.56
CA GLN A 90 -32.07 -3.22 -20.78
C GLN A 90 -31.42 -2.04 -21.48
N LEU A 91 -31.61 -1.96 -22.80
CA LEU A 91 -30.98 -0.95 -23.63
C LEU A 91 -32.05 -0.26 -24.47
N LYS A 92 -32.11 1.06 -24.36
CA LYS A 92 -33.05 1.87 -25.14
C LYS A 92 -32.35 3.01 -25.90
N PHE A 93 -31.05 3.18 -25.67
CA PHE A 93 -30.29 4.26 -26.27
C PHE A 93 -29.45 3.92 -27.52
N LYS A 94 -29.57 2.72 -28.05
CA LYS A 94 -28.77 2.35 -29.21
C LYS A 94 -29.08 3.25 -30.42
N SER A 95 -28.08 3.17 -31.28
CA SER A 95 -28.29 3.55 -32.67
C SER A 95 -28.81 2.23 -33.37
N HIS A 96 -28.88 2.24 -34.68
CA HIS A 96 -29.38 1.07 -35.40
C HIS A 96 -28.53 -0.20 -35.23
N VAL A 97 -27.23 -0.05 -35.14
CA VAL A 97 -26.37 -1.22 -35.09
C VAL A 97 -26.57 -2.19 -33.92
N GLN A 98 -26.84 -1.73 -32.70
CA GLN A 98 -27.01 -2.78 -31.70
C GLN A 98 -28.36 -3.49 -31.87
N GLN A 99 -29.35 -2.82 -32.44
CA GLN A 99 -30.53 -3.54 -32.91
C GLN A 99 -30.17 -4.37 -34.14
N LYS A 100 -31.07 -5.29 -34.48
CA LYS A 100 -30.78 -6.33 -35.48
C LYS A 100 -29.58 -7.17 -35.08
N LEU A 101 -29.38 -7.35 -33.77
CA LEU A 101 -28.32 -8.17 -33.23
C LEU A 101 -28.84 -9.40 -32.51
N LYS A 102 -29.97 -9.27 -31.80
CA LYS A 102 -30.62 -10.45 -31.24
C LYS A 102 -31.05 -11.42 -32.34
N ARG A 103 -31.43 -10.88 -33.50
CA ARG A 103 -31.87 -11.71 -34.62
C ARG A 103 -30.72 -12.47 -35.23
N ALA A 104 -29.59 -11.81 -35.47
CA ALA A 104 -28.40 -12.49 -35.94
C ALA A 104 -27.91 -13.55 -34.98
N MET A 105 -28.33 -13.47 -33.71
CA MET A 105 -27.83 -14.32 -32.64
CA MET A 105 -27.85 -14.31 -32.63
C MET A 105 -28.70 -15.56 -32.41
N ASN A 106 -30.03 -15.38 -32.31
CA ASN A 106 -30.95 -16.50 -32.11
C ASN A 106 -31.05 -17.42 -33.32
N GLU A 107 -30.37 -17.09 -34.43
CA GLU A 107 -30.40 -17.89 -35.65
C GLU A 107 -29.09 -18.62 -35.90
N LEU A 108 -27.96 -17.92 -35.87
CA LEU A 108 -26.66 -18.57 -36.03
C LEU A 108 -26.23 -19.37 -34.81
N SER A 109 -27.07 -19.44 -33.76
CA SER A 109 -26.68 -20.00 -32.48
C SER A 109 -26.67 -21.54 -32.49
N PRO A 110 -27.75 -22.22 -32.92
CA PRO A 110 -27.68 -23.68 -33.01
C PRO A 110 -26.80 -24.19 -34.16
N ARG A 111 -26.28 -23.31 -35.01
CA ARG A 111 -25.31 -23.69 -36.02
C ARG A 111 -23.89 -23.87 -35.46
N LEU A 112 -23.76 -23.98 -34.13
CA LEU A 112 -22.49 -24.03 -33.43
C LEU A 112 -22.04 -25.45 -33.07
N LYS A 113 -22.83 -26.48 -33.42
CA LYS A 113 -22.35 -27.85 -33.29
C LYS A 113 -21.28 -28.20 -34.32
N GLU A 114 -20.99 -27.28 -35.23
CA GLU A 114 -19.91 -27.41 -36.21
C GLU A 114 -18.87 -26.30 -36.08
N HIS A 115 -19.06 -25.35 -35.16
CA HIS A 115 -18.13 -24.22 -35.02
C HIS A 115 -18.10 -23.75 -33.56
N GLY A 116 -17.93 -24.69 -32.63
CA GLY A 116 -18.02 -24.38 -31.21
C GLY A 116 -16.70 -24.23 -30.47
N LYS A 117 -15.67 -24.95 -30.91
CA LYS A 117 -14.37 -24.82 -30.28
C LYS A 117 -13.58 -23.61 -30.79
N GLU A 118 -13.95 -23.08 -31.94
CA GLU A 118 -13.24 -21.94 -32.52
C GLU A 118 -13.52 -20.66 -31.73
N SER A 119 -12.55 -19.74 -31.76
CA SER A 119 -12.73 -18.45 -31.13
C SER A 119 -13.89 -17.70 -31.79
N PHE A 120 -14.38 -16.67 -31.11
CA PHE A 120 -15.67 -16.09 -31.44
C PHE A 120 -15.61 -15.04 -32.54
N LEU A 121 -14.44 -14.47 -32.85
CA LEU A 121 -14.41 -13.42 -33.87
C LEU A 121 -14.53 -13.96 -35.29
N GLN A 122 -14.45 -15.29 -35.51
CA GLN A 122 -14.73 -15.82 -36.84
C GLN A 122 -15.95 -16.75 -36.89
N PHE A 123 -16.47 -17.20 -35.73
CA PHE A 123 -17.84 -17.71 -35.73
C PHE A 123 -18.84 -16.61 -36.03
N VAL A 124 -18.45 -15.33 -35.92
CA VAL A 124 -19.26 -14.23 -36.43
C VAL A 124 -18.82 -13.81 -37.84
N SER A 125 -17.59 -14.16 -38.24
CA SER A 125 -17.04 -13.74 -39.53
C SER A 125 -17.03 -14.85 -40.58
N ARG A 126 -17.56 -16.03 -40.25
CA ARG A 126 -17.79 -17.07 -41.24
C ARG A 126 -19.26 -17.18 -41.65
N TYR A 127 -20.18 -16.69 -40.82
CA TYR A 127 -21.62 -16.71 -41.11
C TYR A 127 -22.14 -15.34 -41.55
N GLN A 128 -21.26 -14.35 -41.73
CA GLN A 128 -21.48 -13.08 -42.41
C GLN A 128 -20.12 -12.36 -42.41
N GLY A 129 -20.04 -11.27 -43.17
CA GLY A 129 -18.76 -10.66 -43.46
C GLY A 129 -18.11 -10.01 -42.25
N HIS A 130 -16.78 -9.88 -42.33
CA HIS A 130 -16.00 -9.32 -41.23
C HIS A 130 -16.33 -7.83 -41.01
N ASP A 131 -16.49 -7.06 -42.09
CA ASP A 131 -16.81 -5.64 -41.98
C ASP A 131 -18.16 -5.39 -41.30
N SER A 132 -18.95 -6.43 -41.04
CA SER A 132 -20.15 -6.36 -40.21
C SER A 132 -20.08 -7.28 -39.01
N ALA A 133 -18.96 -7.98 -38.80
CA ALA A 133 -18.78 -8.86 -37.66
C ALA A 133 -17.85 -8.28 -36.61
N VAL A 134 -17.37 -7.06 -36.80
CA VAL A 134 -16.72 -6.27 -35.77
C VAL A 134 -17.60 -5.10 -35.36
N GLY A 135 -18.84 -5.04 -35.86
CA GLY A 135 -19.79 -4.03 -35.48
C GLY A 135 -20.90 -4.55 -34.60
N MET A 136 -21.37 -5.77 -34.88
CA MET A 136 -22.39 -6.45 -34.07
C MET A 136 -21.86 -6.89 -32.72
N ILE A 137 -20.54 -6.78 -32.51
CA ILE A 137 -19.83 -7.54 -31.50
C ILE A 137 -19.13 -6.63 -30.49
N ARG A 138 -18.48 -5.55 -30.97
CA ARG A 138 -18.12 -4.39 -30.15
C ARG A 138 -19.33 -3.53 -29.83
N SER A 139 -20.50 -3.96 -30.30
CA SER A 139 -21.79 -3.43 -29.89
C SER A 139 -22.31 -4.11 -28.64
N MET A 140 -21.70 -5.23 -28.25
CA MET A 140 -22.09 -5.96 -27.06
C MET A 140 -21.30 -5.56 -25.83
N GLY A 141 -20.26 -4.72 -25.97
CA GLY A 141 -19.69 -3.96 -24.87
C GLY A 141 -18.41 -4.50 -24.25
N TYR A 142 -18.21 -5.81 -24.28
CA TYR A 142 -17.02 -6.43 -23.68
C TYR A 142 -16.00 -6.70 -24.78
N ASP A 143 -14.88 -5.99 -24.73
CA ASP A 143 -13.78 -6.27 -25.64
C ASP A 143 -13.04 -7.56 -25.29
N ALA A 144 -13.55 -8.30 -24.30
CA ALA A 144 -13.02 -9.62 -23.97
C ALA A 144 -13.28 -10.63 -25.09
N LEU A 145 -14.34 -10.39 -25.87
CA LEU A 145 -14.82 -11.28 -26.92
C LEU A 145 -14.05 -11.13 -28.24
N PHE A 146 -12.93 -10.40 -28.24
CA PHE A 146 -12.02 -10.36 -29.40
C PHE A 146 -10.71 -11.05 -29.12
N LEU A 147 -10.63 -11.84 -28.07
CA LEU A 147 -9.28 -12.36 -27.85
C LEU A 147 -9.22 -13.81 -28.30
N PRO A 148 -8.14 -14.18 -29.00
CA PRO A 148 -8.04 -15.55 -29.53
C PRO A 148 -8.10 -16.61 -28.45
N ASP A 149 -7.67 -16.27 -27.24
CA ASP A 149 -7.45 -17.27 -26.20
C ASP A 149 -8.70 -18.10 -25.92
N ILE A 150 -9.90 -17.56 -26.15
CA ILE A 150 -11.10 -18.23 -25.70
C ILE A 150 -12.22 -18.09 -26.74
N SER A 151 -13.10 -19.09 -26.75
CA SER A 151 -13.72 -19.67 -27.93
C SER A 151 -15.12 -19.12 -28.19
N ALA A 152 -15.87 -19.79 -29.07
CA ALA A 152 -17.26 -19.47 -29.35
C ALA A 152 -18.22 -20.27 -28.49
N GLU A 153 -17.84 -21.48 -28.09
CA GLU A 153 -18.59 -22.18 -27.04
C GLU A 153 -18.49 -21.43 -25.72
N MET A 154 -17.31 -20.89 -25.41
CA MET A 154 -17.17 -20.13 -24.17
C MET A 154 -17.65 -18.69 -24.33
N ALA A 155 -17.67 -18.14 -25.54
CA ALA A 155 -18.20 -16.78 -25.71
C ALA A 155 -19.72 -16.76 -25.75
N TYR A 156 -20.35 -17.72 -26.43
CA TYR A 156 -21.82 -17.77 -26.49
C TYR A 156 -22.44 -18.03 -25.14
N ASP A 157 -21.70 -18.62 -24.22
CA ASP A 157 -22.16 -18.67 -22.86
C ASP A 157 -22.06 -17.22 -22.36
N ILE A 158 -20.82 -16.69 -22.24
CA ILE A 158 -20.52 -15.37 -21.64
C ILE A 158 -21.47 -14.23 -22.01
N VAL A 159 -22.07 -14.28 -23.20
CA VAL A 159 -23.03 -13.24 -23.55
C VAL A 159 -24.34 -13.35 -22.76
N GLY A 160 -24.67 -14.54 -22.23
CA GLY A 160 -25.99 -14.78 -21.63
C GLY A 160 -26.12 -14.49 -20.15
N LYS A 161 -25.02 -14.37 -19.40
CA LYS A 161 -25.11 -14.03 -17.97
C LYS A 161 -24.28 -12.81 -17.69
N HIS A 162 -24.53 -11.76 -18.47
CA HIS A 162 -24.12 -10.44 -18.05
C HIS A 162 -25.34 -9.56 -18.25
N PRO A 163 -25.87 -9.00 -17.19
CA PRO A 163 -27.22 -8.40 -17.23
C PRO A 163 -27.50 -7.46 -18.41
N GLU A 164 -26.48 -6.79 -18.95
CA GLU A 164 -26.68 -5.76 -19.98
C GLU A 164 -26.70 -6.31 -21.41
N ILE A 165 -26.45 -7.61 -21.61
CA ILE A 165 -26.47 -8.21 -22.95
C ILE A 165 -27.09 -9.60 -22.92
N GLN A 166 -27.87 -9.91 -21.88
CA GLN A 166 -28.47 -11.23 -21.79
C GLN A 166 -29.78 -11.31 -22.59
N SER A 167 -30.46 -10.17 -22.77
CA SER A 167 -31.67 -10.17 -23.60
C SER A 167 -31.39 -10.73 -24.97
N VAL A 168 -30.11 -10.78 -25.35
CA VAL A 168 -29.63 -11.22 -26.67
C VAL A 168 -29.65 -12.75 -26.85
N THR A 169 -29.73 -13.53 -25.77
CA THR A 169 -29.74 -15.00 -25.89
C THR A 169 -30.75 -15.63 -24.92
N ASP A 170 -32.03 -15.32 -25.11
CA ASP A 170 -33.12 -16.07 -24.49
C ASP A 170 -32.99 -16.16 -22.96
N ASN A 171 -32.22 -15.27 -22.33
CA ASN A 171 -31.96 -15.40 -20.89
C ASN A 171 -32.42 -14.22 -20.06
N ASP A 172 -33.18 -13.27 -20.65
CA ASP A 172 -33.67 -12.15 -19.84
C ASP A 172 -34.67 -12.59 -18.69
N ALA A 173 -34.84 -13.90 -18.42
CA ALA A 173 -35.64 -14.35 -17.28
C ALA A 173 -35.02 -13.91 -15.96
N ASN A 174 -33.72 -14.14 -15.82
CA ASN A 174 -33.05 -13.97 -14.53
C ASN A 174 -33.24 -12.57 -13.99
N GLN A 175 -33.48 -12.47 -12.69
CA GLN A 175 -33.27 -11.18 -12.06
C GLN A 175 -31.82 -11.10 -11.64
N TRP A 176 -31.36 -9.86 -11.48
CA TRP A 176 -30.04 -9.60 -10.91
C TRP A 176 -30.18 -8.71 -9.70
N PHE A 177 -29.37 -9.00 -8.69
CA PHE A 177 -29.41 -8.25 -7.45
C PHE A 177 -28.04 -7.68 -7.14
N ALA A 178 -28.05 -6.66 -6.29
CA ALA A 178 -26.82 -6.10 -5.76
C ALA A 178 -26.98 -5.97 -4.25
N ALA A 179 -25.85 -6.01 -3.54
CA ALA A 179 -25.90 -5.79 -2.11
C ALA A 179 -26.35 -4.36 -1.84
N GLU A 180 -27.27 -4.20 -0.89
CA GLU A 180 -27.82 -2.88 -0.59
C GLU A 180 -26.87 -2.04 0.27
N THR A 181 -25.97 -2.66 1.02
CA THR A 181 -24.90 -1.92 1.67
C THR A 181 -23.56 -2.10 1.00
N GLY A 182 -23.50 -2.89 -0.05
CA GLY A 182 -22.25 -3.29 -0.64
C GLY A 182 -21.79 -4.65 -0.14
N PHE A 183 -20.99 -5.33 -0.96
CA PHE A 183 -20.54 -6.67 -0.63
C PHE A 183 -19.49 -6.69 0.49
N ALA A 184 -19.00 -5.53 0.93
CA ALA A 184 -18.17 -5.51 2.13
C ALA A 184 -18.97 -5.99 3.33
N GLY A 185 -20.27 -5.66 3.37
CA GLY A 185 -21.14 -6.17 4.41
C GLY A 185 -21.17 -7.68 4.47
N LEU A 186 -21.07 -8.35 3.32
CA LEU A 186 -20.94 -9.79 3.33
C LEU A 186 -19.57 -10.22 3.84
N ILE A 187 -18.55 -9.39 3.60
CA ILE A 187 -17.22 -9.79 4.05
C ILE A 187 -17.07 -9.53 5.55
N GLN A 188 -17.44 -8.34 6.02
CA GLN A 188 -17.33 -8.09 7.45
CA GLN A 188 -17.36 -8.07 7.44
C GLN A 188 -18.17 -9.09 8.26
N GLY A 189 -19.20 -9.70 7.64
CA GLY A 189 -19.97 -10.73 8.31
C GLY A 189 -19.19 -12.01 8.48
N ILE A 190 -18.74 -12.62 7.38
CA ILE A 190 -17.92 -13.81 7.47
C ILE A 190 -16.69 -13.57 8.33
N LYS A 191 -16.12 -12.36 8.26
CA LYS A 191 -14.92 -12.10 9.06
C LYS A 191 -15.24 -12.20 10.55
N ALA A 192 -16.38 -11.65 10.99
CA ALA A 192 -16.72 -11.67 12.40
C ALA A 192 -16.95 -13.10 12.91
N LYS A 193 -17.57 -13.95 12.10
CA LYS A 193 -17.80 -15.32 12.53
C LYS A 193 -16.49 -16.05 12.76
N VAL A 194 -15.51 -15.80 11.89
CA VAL A 194 -14.22 -16.47 11.96
C VAL A 194 -13.38 -15.96 13.11
N LYS A 195 -13.52 -14.67 13.46
CA LYS A 195 -12.81 -14.16 14.63
C LYS A 195 -13.42 -14.74 15.89
N ALA A 196 -14.75 -14.65 15.97
CA ALA A 196 -15.50 -15.18 17.11
C ALA A 196 -15.24 -16.67 17.30
N ALA A 197 -15.06 -17.41 16.21
CA ALA A 197 -14.68 -18.82 16.28
C ALA A 197 -13.25 -19.02 16.71
N GLY A 198 -12.52 -17.94 16.99
CA GLY A 198 -11.21 -18.00 17.58
C GLY A 198 -10.04 -17.95 16.63
N ALA A 199 -10.28 -17.81 15.32
CA ALA A 199 -9.17 -17.65 14.39
C ALA A 199 -8.46 -16.34 14.63
N ARG A 200 -7.21 -16.26 14.19
CA ARG A 200 -6.40 -15.06 14.33
CA ARG A 200 -6.41 -15.05 14.34
C ARG A 200 -5.97 -14.58 12.95
N PHE A 201 -6.29 -13.32 12.63
CA PHE A 201 -5.92 -12.66 11.38
C PHE A 201 -4.55 -11.99 11.47
N SER A 202 -3.94 -11.79 10.29
CA SER A 202 -2.58 -11.25 10.06
C SER A 202 -2.56 -10.59 8.67
N LEU A 203 -3.19 -9.43 8.57
CA LEU A 203 -3.24 -8.66 7.34
C LEU A 203 -2.07 -7.68 7.23
N GLY A 204 -1.60 -7.49 6.02
CA GLY A 204 -0.37 -6.79 5.79
C GLY A 204 0.74 -7.66 5.26
N TYR A 205 0.63 -8.98 5.35
CA TYR A 205 1.76 -9.87 5.14
C TYR A 205 1.65 -10.61 3.80
N ARG A 206 2.76 -10.73 3.05
CA ARG A 206 2.73 -11.56 1.84
C ARG A 206 3.66 -12.78 1.89
N LEU A 207 3.08 -13.91 1.53
CA LEU A 207 3.81 -15.15 1.42
C LEU A 207 4.82 -15.02 0.29
N LEU A 208 6.01 -15.56 0.52
CA LEU A 208 7.06 -15.60 -0.49
C LEU A 208 7.43 -17.04 -0.81
N SER A 209 8.05 -17.77 0.12
CA SER A 209 8.44 -19.16 -0.09
C SER A 209 7.59 -20.11 0.75
N VAL A 210 7.54 -21.37 0.31
CA VAL A 210 7.02 -22.49 1.10
C VAL A 210 8.02 -23.63 1.06
N ARG A 211 8.21 -24.30 2.19
CA ARG A 211 9.00 -25.53 2.27
C ARG A 211 8.27 -26.49 3.18
N THR A 212 8.26 -27.76 2.81
CA THR A 212 7.48 -28.75 3.54
C THR A 212 8.43 -29.51 4.45
N ASP A 213 8.19 -29.40 5.76
CA ASP A 213 9.09 -29.86 6.84
C ASP A 213 8.36 -30.84 7.75
N GLY A 214 8.46 -32.13 7.45
CA GLY A 214 7.82 -33.14 8.28
C GLY A 214 6.32 -33.18 8.10
N ASP A 215 5.57 -32.97 9.18
CA ASP A 215 4.11 -33.02 9.11
C ASP A 215 3.51 -31.77 8.48
N GLY A 216 4.31 -30.72 8.28
CA GLY A 216 3.79 -29.43 7.86
C GLY A 216 4.78 -28.56 7.09
N TYR A 217 4.54 -27.26 7.17
CA TYR A 217 5.05 -26.31 6.19
C TYR A 217 5.65 -25.10 6.89
N LEU A 218 6.68 -24.53 6.27
CA LEU A 218 7.35 -23.35 6.80
C LEU A 218 7.09 -22.19 5.85
N LEU A 219 6.27 -21.24 6.29
CA LEU A 219 5.95 -20.07 5.47
C LEU A 219 6.94 -18.94 5.77
N GLN A 220 7.33 -18.23 4.72
CA GLN A 220 8.11 -17.01 4.86
C GLN A 220 7.30 -15.86 4.27
N LEU A 221 6.81 -14.97 5.12
CA LEU A 221 6.06 -13.79 4.71
C LEU A 221 6.89 -12.52 4.91
N ALA A 222 6.44 -11.44 4.27
CA ALA A 222 7.09 -10.14 4.34
C ALA A 222 6.02 -9.08 4.55
N GLY A 223 6.16 -8.29 5.63
CA GLY A 223 5.15 -7.33 6.01
C GLY A 223 5.07 -6.14 5.07
N ASP A 224 3.95 -5.42 5.18
CA ASP A 224 3.70 -4.25 4.34
C ASP A 224 4.79 -3.20 4.51
N ASP A 225 5.46 -3.17 5.67
CA ASP A 225 6.50 -2.20 5.99
C ASP A 225 7.89 -2.83 6.07
N GLY A 226 8.07 -4.00 5.49
CA GLY A 226 9.37 -4.62 5.43
C GLY A 226 9.61 -5.73 6.43
N TRP A 227 8.83 -5.78 7.51
CA TRP A 227 9.08 -6.78 8.54
C TRP A 227 9.09 -8.17 7.95
N LYS A 228 10.23 -8.86 8.10
CA LYS A 228 10.35 -10.22 7.60
C LYS A 228 9.80 -11.19 8.66
N LEU A 229 8.80 -11.98 8.29
CA LEU A 229 8.06 -12.79 9.24
C LEU A 229 8.09 -14.26 8.80
N GLU A 230 8.36 -15.15 9.75
CA GLU A 230 8.44 -16.59 9.50
C GLU A 230 7.42 -17.33 10.34
N HIS A 231 6.81 -18.36 9.77
CA HIS A 231 5.71 -19.03 10.45
C HIS A 231 5.58 -20.46 9.96
N ARG A 232 5.28 -21.39 10.88
CA ARG A 232 5.13 -22.80 10.57
C ARG A 232 3.73 -23.28 10.89
N THR A 233 3.18 -24.14 10.01
CA THR A 233 1.86 -24.73 10.21
C THR A 233 1.87 -26.17 9.73
N ARG A 234 1.01 -27.00 10.33
CA ARG A 234 0.86 -28.37 9.86
C ARG A 234 0.07 -28.40 8.54
N HIS A 235 -1.00 -27.64 8.45
CA HIS A 235 -1.93 -27.77 7.34
C HIS A 235 -2.14 -26.42 6.66
N LEU A 236 -2.25 -26.44 5.32
CA LEU A 236 -2.14 -25.21 4.55
C LEU A 236 -3.16 -25.17 3.42
N ILE A 237 -3.85 -24.04 3.31
CA ILE A 237 -4.70 -23.73 2.18
C ILE A 237 -4.29 -22.38 1.62
N LEU A 238 -3.87 -22.36 0.36
CA LEU A 238 -3.61 -21.09 -0.34
C LEU A 238 -4.83 -20.71 -1.18
N ALA A 239 -5.73 -19.94 -0.57
CA ALA A 239 -6.89 -19.42 -1.27
C ALA A 239 -6.52 -18.06 -1.91
N ILE A 240 -5.66 -18.17 -2.93
CA ILE A 240 -5.29 -17.04 -3.77
C ILE A 240 -5.56 -17.43 -5.21
N PRO A 241 -5.64 -16.45 -6.12
CA PRO A 241 -5.93 -16.78 -7.52
C PRO A 241 -4.74 -17.45 -8.21
N PRO A 242 -4.94 -17.91 -9.47
CA PRO A 242 -3.86 -18.60 -10.19
C PRO A 242 -2.69 -17.71 -10.57
N SER A 243 -2.96 -16.49 -11.04
CA SER A 243 -1.88 -15.54 -11.23
C SER A 243 -1.03 -15.47 -9.98
N ALA A 244 -1.68 -15.46 -8.81
CA ALA A 244 -0.98 -15.22 -7.55
C ALA A 244 0.00 -16.33 -7.25
N MET A 245 -0.29 -17.55 -7.67
CA MET A 245 0.58 -18.67 -7.34
C MET A 245 1.72 -18.86 -8.33
N ALA A 246 1.57 -18.35 -9.56
CA ALA A 246 2.66 -18.37 -10.53
C ALA A 246 3.95 -17.79 -9.95
N GLY A 247 3.84 -16.78 -9.09
CA GLY A 247 5.01 -16.08 -8.57
C GLY A 247 5.81 -16.76 -7.47
N LEU A 248 5.24 -17.84 -6.92
CA LEU A 248 5.79 -18.61 -5.82
C LEU A 248 6.40 -19.90 -6.29
N ASN A 249 7.21 -20.51 -5.47
CA ASN A 249 7.82 -21.77 -5.83
C ASN A 249 6.89 -22.94 -5.51
N VAL A 250 5.81 -23.09 -6.29
CA VAL A 250 4.86 -24.16 -6.08
C VAL A 250 4.68 -25.04 -7.30
N ASP A 251 5.43 -24.76 -8.33
CA ASP A 251 5.29 -25.54 -9.57
C ASP A 251 3.94 -25.34 -10.20
N PHE A 252 3.29 -24.22 -9.93
CA PHE A 252 2.07 -23.87 -10.63
C PHE A 252 2.44 -23.61 -12.09
N PRO A 253 1.68 -24.20 -13.03
CA PRO A 253 0.46 -24.98 -12.82
C PRO A 253 0.66 -26.48 -12.98
N GLU A 254 1.89 -26.79 -13.32
CA GLU A 254 2.31 -28.13 -13.72
C GLU A 254 2.21 -29.26 -12.72
N ALA A 255 2.52 -29.00 -11.47
CA ALA A 255 2.46 -30.05 -10.49
C ALA A 255 1.09 -30.26 -9.88
N TRP A 256 0.14 -29.43 -10.24
CA TRP A 256 -1.18 -29.54 -9.66
C TRP A 256 -2.36 -29.92 -10.54
N SER A 257 -2.34 -29.58 -11.82
CA SER A 257 -3.52 -29.78 -12.67
C SER A 257 -3.12 -29.90 -14.12
N GLY A 258 -4.03 -30.50 -14.90
CA GLY A 258 -3.92 -30.53 -16.34
C GLY A 258 -4.79 -29.46 -16.99
N ALA A 259 -4.54 -28.21 -16.64
CA ALA A 259 -5.15 -27.06 -17.29
C ALA A 259 -4.17 -25.91 -17.25
N ARG A 260 -4.40 -24.93 -18.11
CA ARG A 260 -3.70 -23.67 -18.02
C ARG A 260 -4.73 -22.57 -17.74
N TYR A 261 -4.22 -21.37 -17.49
CA TYR A 261 -5.07 -20.25 -17.10
C TYR A 261 -4.51 -18.97 -17.65
N GLY A 262 -5.42 -18.09 -18.09
CA GLY A 262 -5.12 -16.71 -18.34
C GLY A 262 -5.81 -15.80 -17.35
N SER A 263 -5.88 -14.52 -17.72
CA SER A 263 -6.55 -13.49 -16.95
C SER A 263 -6.65 -12.25 -17.82
N LEU A 264 -7.70 -11.47 -17.60
CA LEU A 264 -8.02 -10.22 -18.30
C LEU A 264 -8.00 -9.05 -17.34
N PRO A 265 -7.30 -7.96 -17.66
CA PRO A 265 -7.42 -6.75 -16.85
C PRO A 265 -8.80 -6.14 -16.98
N LEU A 266 -9.24 -5.46 -15.92
CA LEU A 266 -10.46 -4.65 -15.94
C LEU A 266 -10.23 -3.25 -15.38
N PHE A 267 -11.20 -2.38 -15.62
CA PHE A 267 -11.08 -0.97 -15.26
C PHE A 267 -12.47 -0.42 -15.00
N LYS A 268 -12.69 0.12 -13.80
CA LYS A 268 -13.89 0.88 -13.50
C LYS A 268 -13.46 2.28 -13.14
N GLY A 269 -14.25 3.28 -13.56
CA GLY A 269 -13.98 4.66 -13.21
C GLY A 269 -15.27 5.33 -12.80
N PHE A 270 -15.26 6.04 -11.68
CA PHE A 270 -16.47 6.61 -11.12
C PHE A 270 -16.36 8.12 -11.10
N LEU A 271 -17.48 8.78 -11.30
CA LEU A 271 -17.53 10.22 -11.30
C LEU A 271 -18.81 10.67 -10.63
N THR A 272 -18.74 11.83 -9.98
CA THR A 272 -19.91 12.42 -9.36
C THR A 272 -19.89 13.90 -9.69
N TYR A 273 -21.02 14.56 -9.46
CA TYR A 273 -21.19 15.93 -9.90
C TYR A 273 -22.04 16.67 -8.88
N GLY A 274 -22.10 17.98 -9.04
CA GLY A 274 -22.96 18.80 -8.20
C GLY A 274 -24.42 18.52 -8.47
N GLU A 275 -24.80 18.69 -9.73
CA GLU A 275 -26.20 18.47 -10.12
C GLU A 275 -26.33 17.23 -11.00
N PRO A 276 -27.39 16.45 -10.83
CA PRO A 276 -27.56 15.23 -11.60
C PRO A 276 -27.82 15.48 -13.08
N TRP A 277 -26.77 15.84 -13.82
CA TRP A 277 -26.99 16.47 -15.13
C TRP A 277 -27.54 15.49 -16.16
N TRP A 278 -27.20 14.21 -16.06
CA TRP A 278 -27.66 13.23 -17.04
C TRP A 278 -29.14 12.92 -16.92
N LEU A 279 -29.81 13.42 -15.89
CA LEU A 279 -31.25 13.18 -15.73
C LEU A 279 -32.04 13.77 -16.88
N ASP A 280 -31.65 14.97 -17.34
CA ASP A 280 -32.41 15.72 -18.35
C ASP A 280 -32.52 14.94 -19.65
N TYR A 281 -31.91 13.76 -19.65
CA TYR A 281 -31.85 12.90 -20.82
C TYR A 281 -32.64 11.61 -20.62
N LYS A 282 -33.36 11.48 -19.50
CA LYS A 282 -34.07 10.25 -19.15
C LYS A 282 -33.10 9.05 -19.10
N LEU A 283 -31.94 9.25 -18.45
CA LEU A 283 -30.85 8.27 -18.49
C LEU A 283 -30.53 7.63 -17.14
N ASP A 284 -31.17 8.06 -16.05
CA ASP A 284 -30.87 7.45 -14.76
C ASP A 284 -31.25 5.98 -14.73
N ASP A 285 -30.42 5.18 -14.08
CA ASP A 285 -30.61 3.74 -13.93
C ASP A 285 -30.71 3.04 -15.28
N GLN A 286 -29.95 3.52 -16.24
CA GLN A 286 -29.87 2.90 -17.56
C GLN A 286 -28.42 2.92 -18.03
N VAL A 287 -28.16 2.18 -19.10
CA VAL A 287 -26.82 1.80 -19.51
C VAL A 287 -26.70 1.88 -21.02
N LEU A 288 -25.61 2.48 -21.52
CA LEU A 288 -25.38 2.56 -22.95
C LEU A 288 -24.10 1.82 -23.32
N ILE A 289 -24.17 1.04 -24.39
CA ILE A 289 -22.98 0.39 -24.94
C ILE A 289 -22.63 1.15 -26.20
N VAL A 290 -21.62 2.00 -26.08
CA VAL A 290 -21.13 2.79 -27.21
C VAL A 290 -19.81 2.18 -27.67
N ASP A 291 -19.40 2.57 -28.88
CA ASP A 291 -18.20 2.03 -29.48
C ASP A 291 -17.03 3.02 -29.48
N ASN A 292 -17.15 4.15 -28.80
CA ASN A 292 -15.97 4.89 -28.35
C ASN A 292 -15.33 4.18 -27.15
N PRO A 293 -14.15 4.61 -26.73
CA PRO A 293 -13.39 3.83 -25.73
C PRO A 293 -13.98 3.73 -24.33
N LEU A 294 -15.09 4.38 -23.99
CA LEU A 294 -15.69 4.10 -22.68
C LEU A 294 -16.39 2.74 -22.63
N ARG A 295 -16.92 2.25 -23.76
CA ARG A 295 -17.54 0.94 -23.91
C ARG A 295 -18.88 0.78 -23.19
N LYS A 296 -18.95 0.95 -21.87
CA LYS A 296 -20.23 0.85 -21.19
C LYS A 296 -20.36 1.98 -20.18
N ILE A 297 -21.48 2.71 -20.21
CA ILE A 297 -21.70 3.86 -19.35
C ILE A 297 -22.93 3.58 -18.52
N TYR A 298 -22.82 3.77 -17.21
CA TYR A 298 -23.91 3.49 -16.29
C TYR A 298 -24.20 4.72 -15.49
N PHE A 299 -25.48 5.02 -15.31
CA PHE A 299 -25.93 6.07 -14.41
C PHE A 299 -26.77 5.40 -13.34
N LYS A 300 -26.32 5.43 -12.10
CA LYS A 300 -27.16 4.92 -11.01
C LYS A 300 -27.87 6.13 -10.43
N GLY A 301 -29.13 6.31 -10.83
CA GLY A 301 -30.03 7.27 -10.25
C GLY A 301 -29.46 8.64 -10.42
N ASP A 302 -29.77 9.52 -9.47
CA ASP A 302 -29.25 10.88 -9.45
C ASP A 302 -27.94 11.00 -8.69
N LYS A 303 -27.19 9.91 -8.55
CA LYS A 303 -26.13 9.87 -7.53
C LYS A 303 -24.74 9.95 -8.13
N TYR A 304 -24.48 9.16 -9.15
CA TYR A 304 -23.18 9.18 -9.81
C TYR A 304 -23.35 8.45 -11.14
N LEU A 305 -22.28 8.47 -11.93
CA LEU A 305 -22.15 7.56 -13.06
C LEU A 305 -20.79 6.87 -12.99
N PHE A 306 -20.71 5.72 -13.63
CA PHE A 306 -19.42 5.06 -13.80
C PHE A 306 -19.36 4.45 -15.19
N PHE A 307 -18.22 3.89 -15.51
CA PHE A 307 -18.03 3.25 -16.79
C PHE A 307 -17.09 2.07 -16.61
N TYR A 308 -17.42 0.97 -17.26
CA TYR A 308 -16.76 -0.30 -17.07
C TYR A 308 -16.12 -0.70 -18.39
N THR A 309 -14.91 -1.24 -18.29
CA THR A 309 -14.06 -1.51 -19.45
C THR A 309 -13.25 -2.76 -19.14
N ASP A 310 -12.85 -3.45 -20.19
CA ASP A 310 -12.15 -4.69 -20.03
C ASP A 310 -11.07 -4.87 -21.04
N SER A 311 -10.19 -5.79 -20.74
CA SER A 311 -9.09 -6.15 -21.60
C SER A 311 -8.23 -4.99 -22.02
N GLU A 312 -7.87 -4.90 -23.28
CA GLU A 312 -6.99 -3.85 -23.72
C GLU A 312 -7.58 -2.49 -23.48
N MET A 313 -8.78 -2.28 -23.90
CA MET A 313 -9.35 -0.97 -23.59
C MET A 313 -9.11 -0.59 -22.14
N ALA A 314 -9.12 -1.58 -21.24
CA ALA A 314 -8.80 -1.31 -19.85
C ALA A 314 -7.37 -0.82 -19.73
N ASN A 315 -6.43 -1.48 -20.41
CA ASN A 315 -5.05 -0.99 -20.40
C ASN A 315 -4.97 0.43 -20.94
N TYR A 316 -5.62 0.67 -22.08
CA TYR A 316 -5.65 2.01 -22.66
C TYR A 316 -6.05 3.03 -21.59
N TRP A 317 -7.10 2.73 -20.82
CA TRP A 317 -7.56 3.66 -19.81
C TRP A 317 -6.57 3.79 -18.66
N ARG A 318 -5.85 2.71 -18.37
CA ARG A 318 -4.84 2.79 -17.34
C ARG A 318 -3.61 3.51 -17.85
N GLY A 319 -3.47 3.60 -19.18
CA GLY A 319 -2.42 4.44 -19.74
C GLY A 319 -2.72 5.91 -19.58
N CYS A 320 -3.95 6.31 -19.87
CA CYS A 320 -4.39 7.69 -19.74
CA CYS A 320 -4.21 7.72 -19.78
C CYS A 320 -4.36 8.20 -18.30
N VAL A 321 -4.12 7.37 -17.29
CA VAL A 321 -3.99 7.86 -15.93
C VAL A 321 -2.55 8.05 -15.55
N ALA A 322 -1.68 7.15 -16.02
CA ALA A 322 -0.26 7.39 -15.89
C ALA A 322 0.12 8.74 -16.48
N GLU A 323 -0.61 9.15 -17.52
CA GLU A 323 -0.31 10.39 -18.22
C GLU A 323 -0.65 11.61 -17.37
N GLY A 324 -1.77 11.59 -16.66
CA GLY A 324 -2.15 12.70 -15.82
C GLY A 324 -3.65 12.72 -15.56
N GLU A 325 -4.06 12.81 -14.29
CA GLU A 325 -5.49 12.78 -13.97
C GLU A 325 -6.28 13.72 -14.89
N ASP A 326 -5.80 14.98 -15.04
CA ASP A 326 -6.50 15.95 -15.87
CA ASP A 326 -6.50 15.96 -15.86
C ASP A 326 -6.64 15.48 -17.31
N GLY A 327 -5.58 14.88 -17.87
CA GLY A 327 -5.69 14.35 -19.22
C GLY A 327 -6.71 13.22 -19.31
N TYR A 328 -6.78 12.40 -18.26
CA TYR A 328 -7.76 11.33 -18.20
C TYR A 328 -9.19 11.88 -18.15
N LEU A 329 -9.41 12.95 -17.39
CA LEU A 329 -10.77 13.39 -17.16
C LEU A 329 -11.37 14.15 -18.34
N GLU A 330 -10.60 14.96 -19.07
CA GLU A 330 -11.23 15.75 -20.12
C GLU A 330 -11.50 14.89 -21.33
N GLN A 331 -10.74 13.81 -21.46
CA GLN A 331 -10.99 12.88 -22.54
C GLN A 331 -12.22 12.02 -22.21
N ILE A 332 -12.43 11.66 -20.96
CA ILE A 332 -13.73 11.10 -20.58
C ILE A 332 -14.83 12.07 -20.99
N ARG A 333 -14.67 13.36 -20.67
CA ARG A 333 -15.64 14.37 -21.14
C ARG A 333 -15.79 14.29 -22.64
N THR A 334 -14.69 14.06 -23.36
CA THR A 334 -14.73 14.01 -24.82
C THR A 334 -15.61 12.89 -25.29
N HIS A 335 -15.30 11.65 -24.86
CA HIS A 335 -16.06 10.45 -25.22
C HIS A 335 -17.46 10.48 -24.68
N LEU A 336 -17.64 10.95 -23.46
CA LEU A 336 -18.99 11.22 -22.99
C LEU A 336 -19.79 12.04 -23.99
N ALA A 337 -19.15 12.97 -24.73
CA ALA A 337 -19.89 13.81 -25.66
C ALA A 337 -20.30 13.05 -26.93
N SER A 338 -19.38 12.29 -27.52
CA SER A 338 -19.75 11.59 -28.73
C SER A 338 -20.66 10.39 -28.45
N ALA A 339 -20.78 9.92 -27.20
CA ALA A 339 -21.78 8.89 -26.93
C ALA A 339 -23.17 9.50 -26.89
N LEU A 340 -23.41 10.43 -25.97
CA LEU A 340 -24.65 11.19 -25.92
C LEU A 340 -24.91 12.05 -27.15
N GLY A 341 -23.91 12.24 -28.00
CA GLY A 341 -24.09 13.03 -29.22
C GLY A 341 -24.35 14.50 -28.97
N ILE A 342 -23.68 15.10 -27.96
CA ILE A 342 -23.74 16.53 -27.74
C ILE A 342 -22.34 17.17 -27.80
N VAL A 343 -22.27 18.48 -27.57
CA VAL A 343 -21.00 19.18 -27.59
C VAL A 343 -20.29 19.00 -26.25
N ARG A 344 -18.97 19.22 -26.27
CA ARG A 344 -18.14 18.90 -25.10
C ARG A 344 -18.49 19.74 -23.89
N GLU A 345 -18.92 20.98 -24.07
CA GLU A 345 -19.12 21.87 -22.92
C GLU A 345 -20.53 21.83 -22.37
N ARG A 346 -21.45 21.12 -23.04
CA ARG A 346 -22.69 20.78 -22.35
C ARG A 346 -22.45 19.75 -21.24
N ILE A 347 -21.23 19.24 -21.13
CA ILE A 347 -20.89 18.18 -20.19
C ILE A 347 -20.16 18.80 -19.00
N PRO A 348 -20.70 18.71 -17.80
CA PRO A 348 -20.08 19.41 -16.67
C PRO A 348 -18.76 18.78 -16.26
N GLN A 349 -18.09 19.38 -15.31
CA GLN A 349 -16.97 18.66 -14.72
C GLN A 349 -17.36 18.00 -13.42
N PRO A 350 -16.57 17.04 -12.99
CA PRO A 350 -16.87 16.29 -11.77
C PRO A 350 -16.25 16.84 -10.51
N LEU A 351 -17.01 16.88 -9.44
CA LEU A 351 -16.47 17.34 -8.19
C LEU A 351 -15.36 16.44 -7.78
N ALA A 352 -15.62 15.15 -7.82
CA ALA A 352 -14.59 14.20 -7.50
C ALA A 352 -14.80 12.89 -8.18
N HIS A 353 -13.72 12.30 -8.62
CA HIS A 353 -13.81 11.01 -9.23
C HIS A 353 -13.05 10.00 -8.36
N VAL A 354 -12.93 8.78 -8.87
CA VAL A 354 -12.26 7.67 -8.20
C VAL A 354 -12.22 6.55 -9.21
N HIS A 355 -11.12 5.81 -9.26
CA HIS A 355 -10.97 4.84 -10.32
C HIS A 355 -10.07 3.70 -9.87
N LYS A 356 -10.25 2.56 -10.50
CA LYS A 356 -9.55 1.36 -10.07
C LYS A 356 -9.37 0.48 -11.28
N TYR A 357 -8.23 -0.17 -11.33
CA TYR A 357 -7.81 -0.98 -12.44
C TYR A 357 -7.34 -2.29 -11.85
N TRP A 358 -7.75 -3.39 -12.47
CA TRP A 358 -7.42 -4.72 -11.97
C TRP A 358 -6.50 -5.36 -12.99
N ALA A 359 -5.30 -5.73 -12.55
CA ALA A 359 -4.27 -6.25 -13.44
C ALA A 359 -4.54 -7.69 -13.86
N HIS A 360 -5.04 -8.52 -12.93
CA HIS A 360 -5.51 -9.87 -13.23
C HIS A 360 -6.94 -10.01 -12.73
N GLY A 361 -7.85 -9.24 -13.32
CA GLY A 361 -9.16 -9.03 -12.71
C GLY A 361 -10.05 -10.26 -12.74
N VAL A 362 -10.05 -10.99 -13.86
CA VAL A 362 -10.75 -12.26 -13.94
C VAL A 362 -9.78 -13.28 -14.48
N GLU A 363 -9.64 -14.38 -13.75
CA GLU A 363 -8.82 -15.51 -14.13
C GLU A 363 -9.75 -16.66 -14.48
N PHE A 364 -9.43 -17.39 -15.55
CA PHE A 364 -10.35 -18.40 -16.05
C PHE A 364 -9.61 -19.70 -16.36
N CYS A 365 -10.32 -20.81 -16.20
CA CYS A 365 -9.88 -22.09 -16.73
C CYS A 365 -9.78 -21.97 -18.24
N ARG A 366 -8.56 -22.05 -18.77
CA ARG A 366 -8.33 -21.87 -20.19
C ARG A 366 -8.53 -23.15 -20.98
N ASP A 367 -8.19 -24.27 -20.35
CA ASP A 367 -8.46 -25.57 -20.92
C ASP A 367 -9.83 -25.36 -20.39
N SER A 368 -10.68 -24.82 -21.25
CA SER A 368 -11.97 -24.32 -20.85
C SER A 368 -12.89 -25.28 -20.18
N ASP A 369 -12.97 -26.49 -20.72
CA ASP A 369 -13.84 -27.52 -20.18
C ASP A 369 -13.01 -28.71 -19.82
N ILE A 370 -13.22 -29.23 -18.63
CA ILE A 370 -12.46 -30.38 -18.15
C ILE A 370 -13.20 -31.09 -17.06
N ASP A 371 -12.49 -31.90 -16.29
CA ASP A 371 -13.13 -32.60 -15.20
C ASP A 371 -13.72 -31.59 -14.22
N HIS A 372 -13.01 -30.48 -13.99
CA HIS A 372 -13.46 -29.46 -13.04
C HIS A 372 -13.49 -30.00 -11.61
N PRO A 373 -12.31 -30.22 -11.07
CA PRO A 373 -12.10 -30.78 -9.74
C PRO A 373 -12.67 -29.89 -8.69
N SER A 374 -12.58 -28.58 -8.92
CA SER A 374 -13.06 -27.45 -8.11
C SER A 374 -12.12 -27.01 -7.01
N ALA A 375 -11.08 -27.81 -6.78
CA ALA A 375 -10.02 -27.58 -5.82
C ALA A 375 -8.83 -28.40 -6.24
N LEU A 376 -7.64 -28.00 -5.85
CA LEU A 376 -6.47 -28.76 -6.28
C LEU A 376 -5.57 -29.20 -5.18
N SER A 377 -4.95 -30.36 -5.35
CA SER A 377 -3.98 -30.86 -4.41
C SER A 377 -2.62 -30.83 -5.08
N HIS A 378 -1.59 -30.70 -4.28
CA HIS A 378 -0.24 -30.95 -4.76
C HIS A 378 -0.06 -32.45 -4.94
N ARG A 379 0.48 -32.85 -6.10
CA ARG A 379 0.86 -34.25 -6.27
C ARG A 379 1.92 -34.69 -5.27
N ASP A 380 2.48 -33.77 -4.48
CA ASP A 380 3.54 -34.08 -3.52
C ASP A 380 3.14 -33.75 -2.09
N SER A 381 2.99 -32.46 -1.75
CA SER A 381 3.00 -32.00 -0.37
C SER A 381 1.62 -31.80 0.24
N GLY A 382 0.56 -31.93 -0.54
CA GLY A 382 -0.78 -31.85 0.01
C GLY A 382 -1.18 -30.47 0.45
N ILE A 383 -0.89 -29.46 -0.37
CA ILE A 383 -1.40 -28.11 -0.15
C ILE A 383 -2.63 -27.93 -1.02
N ILE A 384 -3.66 -27.33 -0.46
CA ILE A 384 -4.92 -27.13 -1.17
C ILE A 384 -4.93 -25.73 -1.76
N ALA A 385 -5.18 -25.64 -3.07
CA ALA A 385 -5.44 -24.37 -3.74
C ALA A 385 -6.94 -24.13 -3.82
N CYS A 386 -7.31 -22.86 -4.04
CA CYS A 386 -8.70 -22.46 -3.79
C CYS A 386 -8.98 -21.13 -4.52
N SER A 387 -9.57 -21.21 -5.72
CA SER A 387 -9.96 -20.00 -6.42
C SER A 387 -11.23 -20.25 -7.21
N ASP A 388 -11.92 -19.14 -7.50
CA ASP A 388 -12.99 -19.05 -8.51
C ASP A 388 -12.61 -19.78 -9.79
N ALA A 389 -11.32 -19.79 -10.10
CA ALA A 389 -10.80 -20.20 -11.40
C ALA A 389 -10.77 -21.72 -11.57
N TYR A 390 -10.93 -22.48 -10.50
CA TYR A 390 -10.87 -23.93 -10.56
C TYR A 390 -12.24 -24.56 -10.68
N THR A 391 -13.26 -23.78 -11.00
CA THR A 391 -14.61 -24.29 -11.04
C THR A 391 -15.26 -23.96 -12.37
N GLU A 392 -16.44 -24.53 -12.61
CA GLU A 392 -17.22 -24.23 -13.80
C GLU A 392 -17.74 -22.80 -13.79
N HIS A 393 -17.58 -22.08 -12.69
CA HIS A 393 -17.94 -20.67 -12.60
C HIS A 393 -16.69 -19.79 -12.51
N CYS A 394 -15.70 -20.02 -13.35
CA CYS A 394 -14.52 -19.15 -13.36
C CYS A 394 -14.93 -17.69 -13.52
N GLY A 395 -14.40 -16.84 -12.64
CA GLY A 395 -14.63 -15.42 -12.70
C GLY A 395 -15.88 -14.92 -12.02
N TRP A 396 -16.57 -15.76 -11.27
CA TRP A 396 -17.70 -15.27 -10.48
C TRP A 396 -17.48 -15.56 -9.00
N MET A 397 -18.37 -15.01 -8.18
CA MET A 397 -18.19 -15.16 -6.74
C MET A 397 -18.67 -16.51 -6.23
N GLU A 398 -19.71 -17.09 -6.86
CA GLU A 398 -20.13 -18.43 -6.50
C GLU A 398 -19.01 -19.46 -6.75
N GLY A 399 -18.12 -19.20 -7.70
CA GLY A 399 -16.95 -20.08 -7.82
C GLY A 399 -16.04 -20.04 -6.61
N GLY A 400 -15.98 -18.92 -5.91
CA GLY A 400 -15.21 -18.89 -4.67
C GLY A 400 -15.87 -19.72 -3.58
N LEU A 401 -17.19 -19.63 -3.46
CA LEU A 401 -17.91 -20.41 -2.46
C LEU A 401 -17.75 -21.91 -2.72
N LEU A 402 -17.81 -22.32 -3.99
CA LEU A 402 -17.77 -23.73 -4.31
C LEU A 402 -16.37 -24.29 -4.14
N SER A 403 -15.37 -23.61 -4.72
CA SER A 403 -13.98 -24.01 -4.52
C SER A 403 -13.65 -24.14 -3.03
N ALA A 404 -14.20 -23.24 -2.22
CA ALA A 404 -13.88 -23.27 -0.79
C ALA A 404 -14.50 -24.47 -0.12
N ARG A 405 -15.83 -24.59 -0.23
CA ARG A 405 -16.53 -25.67 0.46
C ARG A 405 -15.94 -27.01 0.06
N GLU A 406 -15.59 -27.17 -1.22
CA GLU A 406 -14.85 -28.36 -1.61
C GLU A 406 -13.51 -28.40 -0.87
N ALA A 407 -12.69 -27.36 -1.01
CA ALA A 407 -11.34 -27.36 -0.44
C ALA A 407 -11.34 -27.77 1.04
N SER A 408 -12.19 -27.13 1.84
CA SER A 408 -12.19 -27.45 3.26
C SER A 408 -12.51 -28.92 3.52
N ARG A 409 -13.26 -29.57 2.63
CA ARG A 409 -13.53 -31.00 2.78
C ARG A 409 -12.26 -31.84 2.62
N LEU A 410 -11.49 -31.61 1.54
CA LEU A 410 -10.25 -32.35 1.31
C LEU A 410 -9.29 -32.33 2.49
N LEU A 411 -9.38 -31.30 3.33
CA LEU A 411 -8.47 -31.14 4.45
C LEU A 411 -9.01 -31.82 5.71
N LEU A 412 -10.34 -31.75 5.89
CA LEU A 412 -10.98 -32.48 6.98
C LEU A 412 -10.71 -33.97 6.86
N GLN A 413 -10.92 -34.53 5.66
CA GLN A 413 -10.58 -35.94 5.45
C GLN A 413 -9.07 -36.18 5.52
N ARG A 414 -8.27 -35.17 5.18
CA ARG A 414 -6.82 -35.30 5.29
C ARG A 414 -6.32 -35.08 6.71
N ILE A 415 -7.17 -34.59 7.63
CA ILE A 415 -6.83 -34.61 9.04
C ILE A 415 -7.37 -35.89 9.67
N ALA A 416 -8.71 -35.99 9.74
CA ALA A 416 -9.37 -37.06 10.48
C ALA A 416 -8.97 -38.46 10.03
N ALA A 417 -8.28 -38.58 8.90
CA ALA A 417 -7.68 -39.86 8.50
C ALA A 417 -6.53 -39.60 7.53
N LYS B 1 3.22 12.70 -25.45
CA LYS B 1 4.59 12.47 -25.00
C LYS B 1 4.63 11.84 -23.61
N HIS B 2 4.87 10.53 -23.55
CA HIS B 2 5.13 9.86 -22.27
C HIS B 2 6.58 10.06 -21.78
N SER B 3 7.13 11.27 -21.96
CA SER B 3 8.53 11.53 -21.70
C SER B 3 8.70 13.00 -21.31
N SER B 4 9.84 13.31 -20.67
CA SER B 4 10.01 14.61 -20.03
C SER B 4 11.50 15.03 -19.98
N ASP B 5 11.71 16.30 -19.63
CA ASP B 5 13.04 16.92 -19.62
C ASP B 5 13.85 16.52 -18.38
N ILE B 6 13.28 16.73 -17.19
CA ILE B 6 13.95 16.41 -15.94
C ILE B 6 13.09 15.48 -15.11
N CYS B 7 13.72 14.44 -14.54
CA CYS B 7 13.06 13.46 -13.70
C CYS B 7 13.69 13.43 -12.32
N ILE B 8 12.87 13.59 -11.29
CA ILE B 8 13.28 13.43 -9.90
C ILE B 8 12.56 12.22 -9.33
N VAL B 9 13.32 11.19 -8.98
CA VAL B 9 12.76 10.00 -8.34
C VAL B 9 12.93 10.14 -6.83
N GLY B 10 11.82 10.23 -6.12
CA GLY B 10 11.84 10.39 -4.68
C GLY B 10 11.14 11.70 -4.39
N ALA B 11 10.02 11.64 -3.67
CA ALA B 11 9.34 12.85 -3.23
C ALA B 11 9.46 13.03 -1.72
N GLY B 12 10.59 12.62 -1.17
CA GLY B 12 10.96 13.13 0.12
C GLY B 12 11.29 14.62 0.06
N ILE B 13 11.58 15.18 1.24
CA ILE B 13 11.88 16.59 1.36
C ILE B 13 13.11 16.94 0.55
N SER B 14 14.08 16.02 0.44
CA SER B 14 15.16 16.18 -0.51
C SER B 14 14.58 16.41 -1.89
N GLY B 15 13.96 15.37 -2.46
CA GLY B 15 13.47 15.45 -3.82
C GLY B 15 12.61 16.65 -4.07
N LEU B 16 11.69 16.96 -3.16
CA LEU B 16 10.80 18.08 -3.43
C LEU B 16 11.57 19.41 -3.37
N THR B 17 12.56 19.53 -2.47
CA THR B 17 13.36 20.74 -2.41
C THR B 17 14.14 20.94 -3.72
N CYS B 18 14.76 19.88 -4.24
CA CYS B 18 15.31 19.89 -5.60
C CYS B 18 14.32 20.43 -6.62
N ALA B 19 13.09 19.90 -6.61
CA ALA B 19 12.13 20.38 -7.57
C ALA B 19 11.88 21.88 -7.40
N SER B 20 11.94 22.38 -6.17
CA SER B 20 11.66 23.79 -5.88
C SER B 20 12.83 24.69 -6.26
N HIS B 21 14.05 24.28 -5.89
CA HIS B 21 15.22 24.94 -6.44
C HIS B 21 15.11 25.05 -7.95
N LEU B 22 15.12 23.90 -8.65
CA LEU B 22 15.21 23.86 -10.11
C LEU B 22 14.19 24.76 -10.79
N LEU B 23 12.97 24.81 -10.28
CA LEU B 23 11.91 25.61 -10.88
C LEU B 23 11.93 27.07 -10.43
N ASP B 24 13.12 27.57 -10.16
CA ASP B 24 13.30 29.01 -10.00
C ASP B 24 14.55 29.52 -10.74
N SER B 25 15.45 28.65 -11.15
CA SER B 25 16.44 29.04 -12.13
C SER B 25 15.73 29.48 -13.42
N PRO B 26 16.19 30.57 -14.07
CA PRO B 26 15.68 30.87 -15.41
C PRO B 26 16.22 29.92 -16.45
N ALA B 27 17.31 29.20 -16.16
CA ALA B 27 17.82 28.16 -17.03
C ALA B 27 16.86 26.98 -17.14
N CYS B 28 15.74 26.99 -16.43
CA CYS B 28 14.70 25.98 -16.55
C CYS B 28 13.37 26.60 -16.95
N ARG B 29 13.40 27.81 -17.49
CA ARG B 29 12.19 28.48 -17.98
C ARG B 29 11.78 27.81 -19.30
N GLY B 30 11.08 26.68 -19.17
CA GLY B 30 10.60 25.97 -20.34
C GLY B 30 11.04 24.54 -20.43
N LEU B 31 11.37 23.93 -19.30
CA LEU B 31 11.76 22.52 -19.24
C LEU B 31 10.75 21.76 -18.37
N SER B 32 10.53 20.50 -18.73
CA SER B 32 9.48 19.71 -18.10
C SER B 32 10.05 18.83 -17.00
N LEU B 33 9.31 18.73 -15.90
CA LEU B 33 9.76 18.08 -14.69
C LEU B 33 8.72 17.05 -14.29
N ARG B 34 8.86 15.87 -13.89
CA ARG B 34 8.37 14.54 -13.55
C ARG B 34 8.80 14.19 -12.13
N ILE B 35 8.12 14.13 -11.43
CA ILE B 35 8.52 13.58 -10.14
C ILE B 35 7.84 12.22 -9.96
N PHE B 36 8.66 11.20 -9.68
CA PHE B 36 8.21 9.85 -9.37
C PHE B 36 8.37 9.54 -7.89
N ASP B 37 7.39 8.83 -7.32
CA ASP B 37 7.52 8.35 -5.95
C ASP B 37 6.67 7.10 -5.72
N MET B 38 7.30 6.15 -5.04
CA MET B 38 6.71 4.85 -4.74
C MET B 38 5.37 4.96 -4.03
N GLN B 39 5.27 5.84 -3.03
CA GLN B 39 4.06 5.92 -2.21
C GLN B 39 2.94 6.67 -2.92
N GLN B 40 1.77 6.64 -2.30
CA GLN B 40 0.59 7.35 -2.77
C GLN B 40 0.51 8.76 -2.21
N GLU B 41 1.51 9.18 -1.44
CA GLU B 41 1.57 10.54 -0.95
C GLU B 41 3.02 10.84 -0.58
N ALA B 42 3.41 12.10 -0.80
CA ALA B 42 4.77 12.56 -0.59
C ALA B 42 5.05 12.84 0.89
N GLY B 43 6.33 13.02 1.19
CA GLY B 43 6.82 13.15 2.54
C GLY B 43 7.99 12.23 2.82
N GLY B 44 7.84 10.98 2.43
CA GLY B 44 8.83 10.02 2.79
C GLY B 44 8.63 9.77 4.26
N ARG B 45 9.61 10.18 5.04
CA ARG B 45 9.66 10.00 6.46
C ARG B 45 9.01 11.11 7.26
N ILE B 46 8.25 11.97 6.61
CA ILE B 46 7.48 12.97 7.29
C ILE B 46 6.07 12.43 7.05
N ARG B 47 5.39 12.11 8.13
CA ARG B 47 4.08 11.47 8.09
C ARG B 47 3.26 11.87 9.31
N SER B 48 2.21 12.66 9.10
CA SER B 48 1.40 13.21 10.17
C SER B 48 -0.04 12.76 10.01
N LYS B 49 -0.63 12.20 11.07
CA LYS B 49 -1.98 11.65 11.05
C LYS B 49 -2.80 12.26 12.18
N MET B 50 -3.92 12.90 11.85
CA MET B 50 -4.85 13.40 12.86
C MET B 50 -5.52 12.22 13.55
N LEU B 51 -5.11 11.92 14.77
CA LEU B 51 -5.60 10.77 15.51
C LEU B 51 -6.85 11.16 16.30
N ASP B 52 -7.97 10.52 15.95
CA ASP B 52 -9.26 10.63 16.64
C ASP B 52 -9.83 12.05 16.60
N GLY B 53 -9.35 12.89 15.68
CA GLY B 53 -9.73 14.30 15.65
C GLY B 53 -9.08 15.12 16.74
N LYS B 54 -9.04 14.59 17.97
CA LYS B 54 -8.56 15.30 19.14
C LYS B 54 -7.05 15.16 19.34
N ALA B 55 -6.28 15.02 18.25
CA ALA B 55 -4.83 14.90 18.30
C ALA B 55 -4.25 15.08 16.90
N SER B 56 -3.06 15.70 16.82
CA SER B 56 -2.26 15.69 15.59
C SER B 56 -0.86 15.17 15.93
N ILE B 57 -0.52 13.99 15.40
CA ILE B 57 0.66 13.26 15.82
C ILE B 57 1.58 13.01 14.63
N GLU B 58 2.87 12.85 14.94
CA GLU B 58 3.95 12.80 13.97
C GLU B 58 4.62 11.43 14.07
N LEU B 59 4.30 10.54 13.11
CA LEU B 59 4.85 9.19 13.11
C LEU B 59 6.29 9.13 12.62
N GLY B 60 6.77 10.14 11.89
CA GLY B 60 8.15 10.17 11.44
C GLY B 60 8.92 11.30 12.09
N ALA B 61 9.41 12.24 11.29
CA ALA B 61 10.11 13.39 11.85
C ALA B 61 9.17 14.23 12.70
N GLY B 62 9.66 14.70 13.85
CA GLY B 62 8.76 15.34 14.77
C GLY B 62 9.18 16.69 15.31
N ARG B 63 10.49 16.97 15.36
CA ARG B 63 11.03 18.08 16.13
C ARG B 63 12.21 18.71 15.42
N TYR B 64 12.38 20.03 15.54
CA TYR B 64 13.61 20.65 15.03
C TYR B 64 14.18 21.72 15.98
N SER B 65 15.46 22.01 15.76
CA SER B 65 16.19 23.00 16.52
C SER B 65 16.62 24.19 15.64
N PRO B 66 16.30 25.44 16.02
CA PRO B 66 16.85 26.55 15.25
C PRO B 66 18.34 26.61 15.30
N GLN B 67 18.97 25.91 16.24
CA GLN B 67 20.41 26.04 16.35
C GLN B 67 21.13 25.14 15.34
N LEU B 68 20.56 23.99 15.03
CA LEU B 68 21.19 23.10 14.06
C LEU B 68 20.41 22.95 12.78
N HIS B 69 19.20 23.47 12.70
CA HIS B 69 18.33 23.25 11.55
C HIS B 69 17.83 24.59 11.03
N PRO B 70 18.73 25.53 10.72
CA PRO B 70 18.26 26.87 10.31
C PRO B 70 17.71 26.90 8.91
N HIS B 71 18.26 26.10 7.99
CA HIS B 71 17.64 26.04 6.67
C HIS B 71 16.24 25.48 6.76
N PHE B 72 16.04 24.44 7.57
CA PHE B 72 14.69 23.99 7.85
C PHE B 72 13.83 25.13 8.40
N GLN B 73 14.26 25.73 9.51
CA GLN B 73 13.47 26.78 10.14
C GLN B 73 13.05 27.88 9.17
N SER B 74 13.98 28.32 8.30
CA SER B 74 13.67 29.33 7.30
C SER B 74 12.61 28.84 6.33
N ALA B 75 12.71 27.57 5.94
CA ALA B 75 11.65 26.95 5.15
C ALA B 75 10.32 26.96 5.90
N MET B 76 10.32 26.51 7.16
CA MET B 76 9.08 26.56 7.92
C MET B 76 8.48 27.95 7.90
N GLN B 77 9.33 28.99 7.92
CA GLN B 77 8.87 30.37 7.84
C GLN B 77 8.43 30.72 6.42
N HIS B 78 9.25 30.37 5.44
CA HIS B 78 8.96 30.67 4.04
CA HIS B 78 8.89 30.77 4.08
C HIS B 78 7.64 30.09 3.54
N TYR B 79 6.94 29.31 4.38
CA TYR B 79 5.68 28.70 3.97
C TYR B 79 4.61 28.90 5.02
N SER B 80 4.81 29.85 5.94
CA SER B 80 3.85 30.20 7.00
C SER B 80 3.40 28.95 7.78
N GLN B 81 4.36 28.12 8.16
CA GLN B 81 4.07 26.99 9.02
C GLN B 81 4.26 27.43 10.48
N LYS B 82 3.15 27.48 11.22
CA LYS B 82 3.24 27.83 12.64
C LYS B 82 3.83 26.67 13.42
N SER B 83 4.89 26.93 14.17
CA SER B 83 5.57 25.89 14.95
C SER B 83 5.52 26.22 16.44
N GLU B 84 5.33 25.18 17.25
CA GLU B 84 5.19 25.30 18.70
C GLU B 84 6.48 24.89 19.41
N VAL B 85 6.61 25.33 20.67
CA VAL B 85 7.72 24.88 21.51
C VAL B 85 7.55 23.41 21.87
N TYR B 86 8.66 22.67 21.82
CA TYR B 86 8.66 21.21 21.96
C TYR B 86 9.21 20.84 23.32
N PRO B 87 8.38 20.31 24.22
CA PRO B 87 8.68 20.43 25.65
C PRO B 87 9.70 19.42 26.15
N PHE B 88 10.12 18.47 25.33
CA PHE B 88 10.80 17.29 25.85
C PHE B 88 12.32 17.52 25.86
N THR B 89 12.71 18.48 26.68
CA THR B 89 14.09 18.94 26.82
C THR B 89 14.72 18.60 28.17
N GLN B 90 13.97 18.76 29.25
CA GLN B 90 14.42 18.40 30.58
C GLN B 90 14.10 16.94 30.90
N LEU B 91 14.69 16.45 31.99
CA LEU B 91 14.30 15.19 32.61
C LEU B 91 14.04 15.50 34.07
N LYS B 92 12.79 15.37 34.51
CA LYS B 92 12.52 15.64 35.92
C LYS B 92 13.12 14.53 36.80
N PHE B 93 13.07 13.29 36.33
CA PHE B 93 13.35 12.11 37.15
C PHE B 93 14.69 11.47 36.80
N LYS B 94 15.75 12.27 36.70
CA LYS B 94 17.08 11.77 36.35
CA LYS B 94 17.07 11.76 36.33
C LYS B 94 17.60 10.86 37.44
N SER B 95 17.42 9.55 37.28
CA SER B 95 18.08 8.62 38.19
C SER B 95 19.58 8.85 38.11
N HIS B 96 20.27 8.80 39.26
CA HIS B 96 21.65 9.26 39.27
C HIS B 96 22.59 8.22 38.66
N VAL B 97 22.08 7.48 37.67
CA VAL B 97 22.94 7.02 36.59
C VAL B 97 22.93 8.01 35.44
N GLN B 98 21.75 8.57 35.14
CA GLN B 98 21.67 9.71 34.22
C GLN B 98 22.50 10.87 34.75
N GLN B 99 22.42 11.13 36.06
CA GLN B 99 23.20 12.19 36.67
C GLN B 99 24.67 11.80 36.82
N LYS B 100 24.96 10.51 36.91
CA LYS B 100 26.35 10.07 37.06
C LYS B 100 27.16 10.36 35.80
N LEU B 101 26.55 10.17 34.62
CA LEU B 101 27.26 10.41 33.37
C LEU B 101 27.31 11.90 33.03
N LYS B 102 26.38 12.71 33.55
CA LYS B 102 26.47 14.16 33.49
C LYS B 102 27.89 14.67 33.68
N ARG B 103 28.54 14.22 34.77
CA ARG B 103 29.89 14.62 35.15
C ARG B 103 30.81 13.41 35.24
N ALA B 104 30.56 12.39 34.43
CA ALA B 104 31.56 11.37 34.13
C ALA B 104 31.92 11.40 32.68
N MET B 105 31.02 11.86 31.85
CA MET B 105 31.13 11.80 30.41
C MET B 105 31.79 13.03 29.83
N ASN B 106 31.64 14.17 30.48
CA ASN B 106 32.12 15.45 29.97
C ASN B 106 33.54 15.79 30.42
N GLU B 107 34.26 14.85 31.03
CA GLU B 107 35.64 15.12 31.40
C GLU B 107 36.63 14.02 31.03
N LEU B 108 36.20 12.90 30.46
CA LEU B 108 37.04 12.24 29.47
C LEU B 108 36.74 12.78 28.09
N SER B 109 36.05 13.93 28.02
CA SER B 109 35.79 14.58 26.75
C SER B 109 37.06 15.06 26.06
N PRO B 110 38.06 15.64 26.73
CA PRO B 110 39.37 15.80 26.08
C PRO B 110 40.20 14.52 26.07
N ARG B 111 39.82 13.51 26.86
CA ARG B 111 40.37 12.18 26.66
C ARG B 111 39.80 11.53 25.41
N LEU B 112 38.66 12.03 24.90
CA LEU B 112 38.15 11.57 23.61
C LEU B 112 39.07 11.96 22.47
N LYS B 113 39.86 13.02 22.67
CA LYS B 113 40.98 13.27 21.77
C LYS B 113 42.00 12.15 21.93
N GLU B 114 42.63 11.77 20.81
CA GLU B 114 43.57 10.65 20.75
C GLU B 114 42.89 9.32 21.05
N HIS B 115 41.59 9.35 21.33
CA HIS B 115 40.75 8.18 21.29
C HIS B 115 39.52 8.54 20.46
N GLY B 116 38.38 7.91 20.73
CA GLY B 116 37.14 8.31 20.10
C GLY B 116 36.88 7.74 18.72
N LYS B 117 37.82 7.01 18.14
CA LYS B 117 37.59 6.25 16.91
C LYS B 117 37.23 4.80 17.21
N GLU B 118 36.64 4.57 18.39
CA GLU B 118 36.55 3.27 19.04
C GLU B 118 35.12 3.09 19.57
N SER B 119 34.64 1.87 19.53
CA SER B 119 33.27 1.67 19.87
C SER B 119 33.08 2.41 21.14
N PHE B 120 31.95 3.09 21.21
CA PHE B 120 31.55 3.93 22.34
C PHE B 120 31.48 3.11 23.61
N LEU B 121 31.00 1.88 23.51
CA LEU B 121 30.93 0.96 24.61
C LEU B 121 32.31 0.67 25.17
N GLN B 122 33.34 0.50 24.35
CA GLN B 122 34.62 0.27 25.00
C GLN B 122 35.28 1.56 25.46
N PHE B 123 34.79 2.71 24.99
CA PHE B 123 35.25 3.99 25.52
C PHE B 123 34.85 4.14 26.99
N VAL B 124 33.55 4.09 27.29
CA VAL B 124 33.12 4.20 28.67
C VAL B 124 33.60 3.00 29.49
N SER B 125 33.89 1.88 28.82
CA SER B 125 34.61 0.76 29.43
C SER B 125 36.10 1.07 29.45
N ARG B 126 36.43 2.14 30.19
CA ARG B 126 37.80 2.56 30.41
CA ARG B 126 37.80 2.56 30.41
C ARG B 126 37.85 3.43 31.65
N TYR B 127 36.83 4.28 31.84
CA TYR B 127 36.74 5.02 33.10
C TYR B 127 36.28 4.10 34.22
N GLN B 128 35.00 3.72 34.23
CA GLN B 128 34.59 2.63 35.10
C GLN B 128 34.43 1.36 34.26
N GLY B 129 33.88 0.31 34.87
CA GLY B 129 33.92 -1.01 34.28
C GLY B 129 33.08 -1.14 33.02
N HIS B 130 32.85 -2.40 32.65
CA HIS B 130 31.87 -2.71 31.62
C HIS B 130 30.45 -2.45 32.14
N ASP B 131 30.09 -3.10 33.24
CA ASP B 131 28.75 -2.96 33.79
C ASP B 131 28.52 -1.61 34.46
N SER B 132 29.52 -0.74 34.57
CA SER B 132 29.25 0.65 34.87
C SER B 132 29.02 1.44 33.60
N ALA B 133 29.71 1.07 32.52
CA ALA B 133 29.51 1.71 31.23
C ALA B 133 28.11 1.45 30.69
N VAL B 134 27.68 0.18 30.70
CA VAL B 134 26.40 -0.14 30.10
C VAL B 134 25.26 0.47 30.92
N GLY B 135 25.46 0.68 32.21
CA GLY B 135 24.45 1.39 32.98
C GLY B 135 24.37 2.85 32.56
N MET B 136 25.52 3.45 32.27
CA MET B 136 25.53 4.84 31.81
C MET B 136 24.97 4.93 30.40
N ILE B 137 25.30 3.98 29.53
CA ILE B 137 24.80 4.06 28.16
C ILE B 137 23.33 3.66 28.08
N ARG B 138 22.88 2.72 28.92
CA ARG B 138 21.48 2.32 28.87
C ARG B 138 20.56 3.48 29.21
N SER B 139 20.93 4.30 30.19
CA SER B 139 20.11 5.41 30.67
C SER B 139 20.12 6.62 29.74
N MET B 140 20.78 6.53 28.59
CA MET B 140 20.63 7.54 27.57
C MET B 140 19.50 7.26 26.58
N GLY B 141 18.96 6.03 26.59
CA GLY B 141 17.70 5.73 25.93
C GLY B 141 17.78 5.54 24.43
N TYR B 142 18.97 5.54 23.84
CA TYR B 142 19.14 5.37 22.40
C TYR B 142 19.97 4.10 22.24
N ASP B 143 19.28 2.97 22.01
CA ASP B 143 19.99 1.70 21.92
C ASP B 143 21.00 1.67 20.77
N ALA B 144 20.95 2.63 19.85
CA ALA B 144 21.93 2.67 18.77
C ALA B 144 23.33 2.97 19.29
N LEU B 145 23.45 3.50 20.51
CA LEU B 145 24.73 3.75 21.17
C LEU B 145 25.49 2.48 21.53
N PHE B 146 24.83 1.32 21.54
CA PHE B 146 25.52 0.06 21.83
C PHE B 146 26.12 -0.59 20.59
N LEU B 147 25.77 -0.15 19.40
CA LEU B 147 26.32 -0.73 18.19
C LEU B 147 27.84 -0.62 18.17
N PRO B 148 28.53 -1.51 17.44
CA PRO B 148 29.96 -1.27 17.18
C PRO B 148 30.14 -0.44 15.92
N ASP B 149 29.15 -0.53 15.00
CA ASP B 149 29.08 0.40 13.88
C ASP B 149 29.20 1.85 14.34
N ILE B 150 28.63 2.15 15.52
CA ILE B 150 28.71 3.46 16.16
C ILE B 150 30.05 3.62 16.86
N SER B 151 30.52 4.86 16.99
CA SER B 151 31.79 5.02 17.69
C SER B 151 31.84 6.36 18.39
N ALA B 152 32.71 6.39 19.42
CA ALA B 152 32.65 7.39 20.47
C ALA B 152 32.80 8.81 19.95
N GLU B 153 33.25 8.98 18.70
CA GLU B 153 33.27 10.30 18.08
C GLU B 153 31.86 10.72 17.68
N MET B 154 31.19 9.92 16.85
CA MET B 154 29.78 10.14 16.56
C MET B 154 28.95 10.12 17.83
N ALA B 155 29.38 9.35 18.82
CA ALA B 155 28.61 9.23 20.06
C ALA B 155 28.35 10.59 20.67
N TYR B 156 29.44 11.30 21.02
CA TYR B 156 29.28 12.64 21.59
C TYR B 156 28.54 13.58 20.65
N ASP B 157 28.50 13.28 19.34
CA ASP B 157 27.66 14.03 18.42
C ASP B 157 26.19 13.67 18.60
N ILE B 158 25.84 12.38 18.47
CA ILE B 158 24.44 11.96 18.57
C ILE B 158 23.83 12.35 19.93
N VAL B 159 24.54 12.07 21.03
CA VAL B 159 23.94 12.36 22.35
C VAL B 159 23.81 13.88 22.54
N GLY B 160 24.80 14.65 22.02
CA GLY B 160 24.66 16.08 22.12
C GLY B 160 23.42 16.61 21.38
N LYS B 161 23.12 16.06 20.21
CA LYS B 161 22.12 16.59 19.28
C LYS B 161 20.74 15.89 19.33
N HIS B 162 20.33 15.38 20.50
CA HIS B 162 18.94 14.98 20.66
C HIS B 162 18.33 15.69 21.86
N PRO B 163 17.12 16.23 21.74
CA PRO B 163 16.66 17.18 22.77
C PRO B 163 16.51 16.60 24.17
N GLU B 164 16.44 15.27 24.33
CA GLU B 164 16.18 14.69 25.65
C GLU B 164 17.44 14.47 26.47
N ILE B 165 18.63 14.61 25.88
CA ILE B 165 19.84 14.24 26.60
C ILE B 165 20.96 15.20 26.25
N GLN B 166 20.61 16.32 25.62
CA GLN B 166 21.64 17.29 25.25
C GLN B 166 22.26 17.91 26.48
N SER B 167 21.50 18.00 27.56
CA SER B 167 21.96 18.54 28.83
C SER B 167 23.21 17.84 29.36
N VAL B 168 23.65 16.76 28.72
CA VAL B 168 24.75 15.96 29.22
C VAL B 168 26.04 16.24 28.44
N THR B 169 25.91 16.63 27.18
CA THR B 169 27.04 17.22 26.49
C THR B 169 26.96 18.73 26.69
N ASP B 170 27.74 19.48 25.93
CA ASP B 170 27.83 20.90 26.17
C ASP B 170 26.95 21.71 25.24
N ASN B 171 26.17 21.02 24.43
CA ASN B 171 25.22 21.64 23.54
C ASN B 171 23.93 21.66 24.29
N ASP B 172 23.98 22.14 25.51
CA ASP B 172 22.82 22.17 26.37
C ASP B 172 21.94 23.37 26.21
N ALA B 173 22.29 24.25 25.28
CA ALA B 173 21.52 25.44 25.04
C ALA B 173 20.70 25.39 23.81
N ASN B 174 20.72 24.32 23.03
CA ASN B 174 19.91 24.40 21.83
C ASN B 174 18.43 24.37 22.17
N GLN B 175 17.63 25.07 21.38
CA GLN B 175 16.19 25.01 21.58
C GLN B 175 15.55 24.22 20.43
N TRP B 176 14.35 23.69 20.70
CA TRP B 176 13.67 22.65 19.94
C TRP B 176 12.20 23.00 19.74
N PHE B 177 11.70 22.77 18.52
CA PHE B 177 10.34 23.10 18.13
C PHE B 177 9.68 21.96 17.37
N ALA B 178 8.35 21.90 17.48
CA ALA B 178 7.49 21.03 16.68
C ALA B 178 6.49 21.90 15.90
N ALA B 179 5.65 21.26 15.09
CA ALA B 179 4.72 22.00 14.23
C ALA B 179 3.31 21.98 14.81
N GLU B 180 2.64 23.15 14.78
CA GLU B 180 1.24 23.23 15.17
C GLU B 180 0.39 22.21 14.42
N THR B 181 0.52 22.19 13.08
CA THR B 181 -0.29 21.33 12.25
C THR B 181 0.38 19.98 11.96
N GLY B 182 1.69 19.98 11.75
CA GLY B 182 2.44 18.79 11.38
C GLY B 182 3.29 19.11 10.17
N PHE B 183 4.44 18.43 10.06
CA PHE B 183 5.30 18.70 8.91
C PHE B 183 4.66 18.25 7.61
N ALA B 184 3.71 17.33 7.64
CA ALA B 184 2.87 17.17 6.46
C ALA B 184 2.43 18.56 5.96
N GLY B 185 2.08 19.47 6.89
CA GLY B 185 1.67 20.80 6.47
C GLY B 185 2.74 21.48 5.64
N LEU B 186 4.01 21.25 5.97
CA LEU B 186 5.09 21.86 5.23
C LEU B 186 5.26 21.22 3.86
N ILE B 187 5.18 19.89 3.77
CA ILE B 187 5.45 19.29 2.46
C ILE B 187 4.29 19.56 1.50
N GLN B 188 3.05 19.58 2.01
CA GLN B 188 1.94 19.95 1.13
CA GLN B 188 1.93 19.95 1.15
C GLN B 188 2.15 21.32 0.55
N GLY B 189 2.86 22.20 1.27
CA GLY B 189 3.16 23.53 0.77
C GLY B 189 4.22 23.54 -0.31
N ILE B 190 5.31 22.80 -0.10
CA ILE B 190 6.27 22.60 -1.17
C ILE B 190 5.62 21.94 -2.37
N LYS B 191 4.88 20.84 -2.15
CA LYS B 191 4.22 20.16 -3.26
C LYS B 191 3.27 21.08 -4.00
N ALA B 192 2.50 21.89 -3.27
CA ALA B 192 1.61 22.86 -3.91
C ALA B 192 2.39 23.82 -4.80
N LYS B 193 3.52 24.33 -4.30
CA LYS B 193 4.30 25.31 -5.03
C LYS B 193 5.09 24.64 -6.14
N VAL B 194 5.45 23.38 -5.96
CA VAL B 194 6.10 22.66 -7.05
C VAL B 194 5.08 22.36 -8.14
N LYS B 195 3.88 21.90 -7.75
CA LYS B 195 2.84 21.67 -8.74
C LYS B 195 2.54 22.96 -9.49
N ALA B 196 2.30 24.05 -8.76
CA ALA B 196 1.86 25.29 -9.40
C ALA B 196 2.92 25.84 -10.36
N ALA B 197 4.19 25.56 -10.13
CA ALA B 197 5.19 26.01 -11.08
C ALA B 197 5.17 25.21 -12.36
N GLY B 198 4.66 23.99 -12.32
CA GLY B 198 4.56 23.20 -13.53
C GLY B 198 5.15 21.80 -13.46
N ALA B 199 5.46 21.32 -12.27
CA ALA B 199 5.89 19.92 -12.23
C ALA B 199 4.69 18.99 -12.36
N ARG B 200 4.97 17.77 -12.79
CA ARG B 200 3.95 16.76 -12.94
C ARG B 200 4.31 15.60 -12.03
N PHE B 201 3.40 15.26 -11.11
CA PHE B 201 3.58 14.14 -10.20
C PHE B 201 2.94 12.87 -10.74
N SER B 202 3.70 11.79 -10.73
CA SER B 202 3.16 10.45 -10.90
C SER B 202 3.37 9.69 -9.59
N LEU B 203 2.34 9.66 -8.75
CA LEU B 203 2.47 9.08 -7.42
C LEU B 203 1.93 7.67 -7.40
N GLY B 204 2.60 6.80 -6.67
CA GLY B 204 2.25 5.40 -6.66
C GLY B 204 3.06 4.53 -7.61
N TYR B 205 4.11 5.07 -8.20
CA TYR B 205 4.97 4.32 -9.10
C TYR B 205 6.36 4.23 -8.54
N ARG B 206 6.98 3.07 -8.59
CA ARG B 206 8.30 2.91 -8.05
C ARG B 206 9.29 2.38 -9.07
N LEU B 207 10.47 2.94 -9.10
CA LEU B 207 11.50 2.54 -10.02
C LEU B 207 12.14 1.19 -9.79
N LEU B 208 12.36 0.44 -10.86
CA LEU B 208 13.01 -0.86 -10.79
C LEU B 208 14.37 -0.95 -11.41
N SER B 209 14.59 -0.21 -12.48
CA SER B 209 15.90 -0.18 -13.14
C SER B 209 15.98 1.06 -14.01
N VAL B 210 17.22 1.42 -14.39
CA VAL B 210 17.46 2.56 -15.27
C VAL B 210 18.42 2.18 -16.39
N ARG B 211 18.02 2.46 -17.63
CA ARG B 211 18.90 2.33 -18.79
C ARG B 211 19.42 3.71 -19.16
N THR B 212 20.76 3.85 -19.15
CA THR B 212 21.43 5.00 -19.77
C THR B 212 21.36 4.84 -21.28
N ASP B 213 20.37 5.49 -21.90
CA ASP B 213 20.03 5.29 -23.32
C ASP B 213 20.18 6.60 -24.08
N GLY B 214 21.43 6.97 -24.36
CA GLY B 214 21.74 7.98 -25.38
C GLY B 214 21.84 9.39 -24.80
N ASP B 215 20.98 10.28 -25.28
CA ASP B 215 20.85 11.62 -24.71
C ASP B 215 20.64 11.50 -23.21
N GLY B 216 19.47 11.00 -22.79
CA GLY B 216 19.11 10.83 -21.39
C GLY B 216 19.02 9.40 -20.89
N TYR B 217 17.87 9.02 -20.34
CA TYR B 217 17.74 7.76 -19.61
C TYR B 217 16.34 7.19 -19.79
N LEU B 218 16.26 5.86 -19.79
CA LEU B 218 14.99 5.12 -19.80
C LEU B 218 14.78 4.46 -18.45
N LEU B 219 13.59 4.60 -17.89
CA LEU B 219 13.28 4.05 -16.57
C LEU B 219 12.19 3.00 -16.67
N GLN B 220 12.32 1.93 -15.88
CA GLN B 220 11.25 0.96 -15.65
C GLN B 220 10.67 1.17 -14.26
N LEU B 221 9.39 1.52 -14.18
CA LEU B 221 8.69 1.69 -12.91
C LEU B 221 7.49 0.76 -12.87
N ALA B 222 7.00 0.49 -11.66
CA ALA B 222 5.87 -0.44 -11.50
C ALA B 222 4.88 0.13 -10.51
N GLY B 223 3.63 0.28 -10.92
CA GLY B 223 2.63 0.81 -10.03
C GLY B 223 2.15 -0.21 -9.02
N ASP B 224 1.40 0.28 -8.04
CA ASP B 224 0.88 -0.61 -7.00
C ASP B 224 -0.44 -1.30 -7.39
N ASP B 225 -0.98 -1.06 -8.60
CA ASP B 225 -1.93 -2.01 -9.17
C ASP B 225 -1.26 -2.99 -10.13
N GLY B 226 0.05 -2.86 -10.26
CA GLY B 226 0.88 -3.74 -11.07
C GLY B 226 1.22 -3.31 -12.46
N TRP B 227 0.62 -2.24 -12.92
CA TRP B 227 0.86 -1.75 -14.23
C TRP B 227 2.31 -1.40 -14.44
N LYS B 228 2.90 -1.90 -15.52
CA LYS B 228 4.28 -1.59 -15.88
C LYS B 228 4.35 -0.28 -16.64
N LEU B 229 5.54 0.28 -16.80
CA LEU B 229 5.57 1.62 -17.36
C LEU B 229 7.02 2.03 -17.61
N GLU B 230 7.26 2.71 -18.74
CA GLU B 230 8.56 3.22 -19.15
C GLU B 230 8.56 4.73 -19.18
N HIS B 231 9.69 5.34 -18.84
CA HIS B 231 9.80 6.79 -18.94
C HIS B 231 11.18 7.20 -19.43
N ARG B 232 11.22 8.03 -20.47
CA ARG B 232 12.48 8.62 -20.89
C ARG B 232 12.56 10.06 -20.44
N THR B 233 13.73 10.44 -19.96
CA THR B 233 14.01 11.77 -19.48
C THR B 233 15.48 12.03 -19.77
N ARG B 234 15.84 13.31 -19.75
CA ARG B 234 17.19 13.73 -20.08
C ARG B 234 18.05 14.00 -18.87
N HIS B 235 17.45 14.30 -17.71
CA HIS B 235 18.19 14.64 -16.51
C HIS B 235 17.53 13.97 -15.30
N LEU B 236 18.29 13.13 -14.59
CA LEU B 236 17.69 12.28 -13.57
C LEU B 236 18.40 12.43 -12.24
N ILE B 237 17.62 12.73 -11.19
CA ILE B 237 18.12 12.82 -9.83
C ILE B 237 17.39 11.80 -8.96
N LEU B 238 18.17 11.00 -8.22
CA LEU B 238 17.67 9.95 -7.33
C LEU B 238 17.63 10.50 -5.90
N ALA B 239 16.49 11.07 -5.53
CA ALA B 239 16.32 11.62 -4.19
C ALA B 239 15.80 10.58 -3.22
N ILE B 240 16.48 9.44 -3.16
CA ILE B 240 16.05 8.32 -2.32
C ILE B 240 17.18 7.88 -1.39
N PRO B 241 16.88 7.37 -0.21
CA PRO B 241 17.94 6.97 0.74
C PRO B 241 18.81 5.85 0.20
N PRO B 242 19.97 5.60 0.83
CA PRO B 242 20.96 4.68 0.24
C PRO B 242 20.53 3.24 0.19
N SER B 243 19.79 2.76 1.19
CA SER B 243 19.27 1.40 1.15
C SER B 243 18.50 1.15 -0.15
N ALA B 244 17.61 2.08 -0.50
CA ALA B 244 16.89 1.99 -1.77
C ALA B 244 17.86 1.90 -2.94
N MET B 245 18.82 2.83 -3.02
CA MET B 245 19.80 2.90 -4.09
C MET B 245 20.45 1.55 -4.35
N ALA B 246 20.79 0.83 -3.29
CA ALA B 246 21.57 -0.40 -3.41
C ALA B 246 20.75 -1.56 -3.93
N GLY B 247 19.59 -1.30 -4.53
CA GLY B 247 18.79 -2.37 -5.09
C GLY B 247 18.44 -2.15 -6.54
N LEU B 248 19.20 -1.32 -7.23
CA LEU B 248 18.98 -1.09 -8.65
C LEU B 248 20.22 -1.51 -9.45
N ASN B 249 20.14 -1.33 -10.77
CA ASN B 249 21.25 -1.65 -11.67
C ASN B 249 22.25 -0.51 -11.76
N VAL B 250 22.65 0.09 -10.65
CA VAL B 250 23.51 1.27 -10.67
C VAL B 250 24.80 1.09 -9.89
N ASP B 251 24.97 -0.04 -9.17
CA ASP B 251 26.22 -0.40 -8.53
C ASP B 251 26.58 0.57 -7.41
N PHE B 252 25.81 0.51 -6.33
CA PHE B 252 25.91 1.41 -5.20
C PHE B 252 26.40 0.62 -3.98
N PRO B 253 27.43 1.11 -3.32
CA PRO B 253 27.87 2.50 -3.45
C PRO B 253 29.22 2.66 -4.11
N GLU B 254 29.80 1.58 -4.56
CA GLU B 254 31.14 1.62 -5.10
C GLU B 254 31.35 2.53 -6.30
N ALA B 255 30.36 2.59 -7.15
CA ALA B 255 30.50 3.34 -8.37
C ALA B 255 30.19 4.77 -8.18
N TRP B 256 29.92 5.15 -6.95
CA TRP B 256 29.47 6.50 -6.65
C TRP B 256 30.50 7.20 -5.77
N SER B 257 30.40 6.96 -4.46
CA SER B 257 31.52 7.08 -3.55
C SER B 257 31.91 5.68 -3.11
N GLY B 258 33.08 5.56 -2.46
CA GLY B 258 33.48 4.26 -1.97
C GLY B 258 32.92 3.90 -0.61
N ALA B 259 32.40 4.90 0.13
CA ALA B 259 31.94 4.70 1.50
C ALA B 259 30.83 3.66 1.58
N ARG B 260 30.85 2.87 2.65
CA ARG B 260 29.76 1.95 2.97
C ARG B 260 28.70 2.66 3.81
N TYR B 261 27.50 2.09 3.81
CA TYR B 261 26.39 2.69 4.54
C TYR B 261 25.61 1.64 5.34
N GLY B 262 25.04 2.09 6.46
CA GLY B 262 24.18 1.27 7.28
C GLY B 262 22.97 2.07 7.76
N SER B 263 22.10 1.39 8.50
CA SER B 263 20.86 2.01 8.96
C SER B 263 20.38 1.33 10.24
N LEU B 264 19.19 1.73 10.68
CA LEU B 264 18.66 1.43 11.96
C LEU B 264 17.15 1.38 11.81
N PRO B 265 16.47 0.39 12.37
CA PRO B 265 15.02 0.48 12.45
C PRO B 265 14.60 1.39 13.59
N LEU B 266 13.34 1.85 13.51
CA LEU B 266 12.77 2.68 14.57
C LEU B 266 11.33 2.27 14.78
N PHE B 267 10.82 2.46 16.00
CA PHE B 267 9.42 2.19 16.33
C PHE B 267 8.86 3.37 17.08
N LYS B 268 7.58 3.64 16.88
CA LYS B 268 6.85 4.59 17.70
C LYS B 268 5.44 4.08 17.88
N GLY B 269 4.95 4.04 19.12
CA GLY B 269 3.57 3.70 19.40
C GLY B 269 2.88 4.79 20.21
N PHE B 270 1.62 5.05 19.88
CA PHE B 270 0.83 6.13 20.47
C PHE B 270 -0.41 5.56 21.13
N LEU B 271 -0.90 6.20 22.19
CA LEU B 271 -2.13 5.74 22.84
C LEU B 271 -3.02 6.91 23.26
N THR B 272 -4.31 6.62 23.45
CA THR B 272 -5.33 7.62 23.70
C THR B 272 -6.28 7.14 24.79
N TYR B 273 -6.76 8.06 25.62
CA TYR B 273 -7.44 7.71 26.86
C TYR B 273 -8.67 8.57 27.07
N GLY B 274 -9.61 8.04 27.86
CA GLY B 274 -10.81 8.77 28.15
C GLY B 274 -10.49 10.02 28.94
N GLU B 275 -10.02 9.80 30.14
CA GLU B 275 -9.46 10.84 30.97
C GLU B 275 -7.95 10.80 30.86
N PRO B 276 -7.27 11.93 30.70
CA PRO B 276 -5.81 11.93 30.74
C PRO B 276 -5.33 11.64 32.15
N TRP B 277 -4.98 10.39 32.43
CA TRP B 277 -4.70 9.99 33.82
C TRP B 277 -3.32 10.41 34.30
N TRP B 278 -2.38 10.69 33.40
CA TRP B 278 -1.01 10.99 33.78
C TRP B 278 -0.84 12.40 34.37
N LEU B 279 -1.93 13.17 34.47
CA LEU B 279 -1.88 14.52 35.00
C LEU B 279 -1.84 14.55 36.51
N ASP B 280 -2.33 13.48 37.17
CA ASP B 280 -2.27 13.41 38.62
C ASP B 280 -0.87 13.03 39.11
N TYR B 281 -0.02 12.52 38.22
CA TYR B 281 1.39 12.34 38.50
C TYR B 281 2.22 13.49 37.96
N LYS B 282 1.57 14.61 37.61
CA LYS B 282 2.26 15.84 37.23
C LYS B 282 3.19 15.59 36.05
N LEU B 283 2.71 14.78 35.10
CA LEU B 283 3.58 14.16 34.11
C LEU B 283 3.41 14.73 32.71
N ASP B 284 2.35 15.50 32.46
CA ASP B 284 2.21 16.20 31.20
C ASP B 284 3.54 16.82 30.80
N ASP B 285 3.84 16.73 29.50
CA ASP B 285 4.97 17.45 28.91
C ASP B 285 6.30 17.04 29.54
N GLN B 286 6.36 15.81 30.06
CA GLN B 286 7.59 15.22 30.54
C GLN B 286 7.95 14.02 29.67
N VAL B 287 9.20 13.58 29.80
CA VAL B 287 9.69 12.39 29.12
C VAL B 287 10.51 11.59 30.13
N LEU B 288 10.15 10.33 30.34
CA LEU B 288 10.90 9.44 31.21
C LEU B 288 11.75 8.50 30.36
N ILE B 289 13.04 8.42 30.65
CA ILE B 289 13.94 7.52 29.96
C ILE B 289 14.23 6.37 30.91
N VAL B 290 14.04 5.14 30.41
CA VAL B 290 13.89 3.98 31.27
C VAL B 290 14.68 2.82 30.72
N ASP B 291 15.05 1.92 31.61
CA ASP B 291 15.88 0.79 31.27
C ASP B 291 15.06 -0.44 30.93
N ASN B 292 13.75 -0.26 30.60
CA ASN B 292 12.90 -1.36 30.11
C ASN B 292 12.65 -1.23 28.61
N PRO B 293 11.81 -2.08 28.00
CA PRO B 293 11.63 -1.99 26.54
C PRO B 293 11.03 -0.70 25.98
N LEU B 294 10.17 -0.03 26.70
CA LEU B 294 9.55 1.17 26.18
C LEU B 294 10.59 2.22 25.87
N ARG B 295 11.62 2.28 26.68
CA ARG B 295 12.78 3.15 26.55
C ARG B 295 12.55 4.62 26.77
N LYS B 296 11.77 5.25 25.94
CA LYS B 296 11.49 6.65 26.10
C LYS B 296 10.01 6.79 26.07
N ILE B 297 9.46 7.47 27.05
CA ILE B 297 8.02 7.61 27.21
C ILE B 297 7.69 9.09 27.26
N TYR B 298 6.73 9.52 26.49
CA TYR B 298 6.42 10.93 26.43
C TYR B 298 4.97 11.11 26.85
N PHE B 299 4.70 12.24 27.51
CA PHE B 299 3.36 12.61 27.88
C PHE B 299 3.09 13.98 27.30
N LYS B 300 2.12 14.06 26.41
CA LYS B 300 1.89 15.24 25.59
C LYS B 300 0.68 15.97 26.14
N GLY B 301 0.92 17.13 26.75
CA GLY B 301 -0.14 17.86 27.43
C GLY B 301 -1.10 16.95 28.15
N ASP B 302 -2.36 16.99 27.76
CA ASP B 302 -3.36 16.03 28.21
C ASP B 302 -3.93 15.19 27.07
N LYS B 303 -3.21 15.10 25.94
CA LYS B 303 -3.76 14.65 24.68
C LYS B 303 -3.48 13.18 24.39
N TYR B 304 -2.23 12.75 24.51
CA TYR B 304 -1.85 11.37 24.26
C TYR B 304 -0.49 11.13 24.90
N LEU B 305 -0.17 9.87 25.14
CA LEU B 305 1.22 9.51 25.43
C LEU B 305 1.74 8.62 24.31
N PHE B 306 3.04 8.69 24.07
CA PHE B 306 3.65 7.78 23.12
C PHE B 306 5.00 7.34 23.64
N PHE B 307 5.60 6.40 22.94
CA PHE B 307 6.94 5.93 23.26
C PHE B 307 7.66 5.65 21.96
N TYR B 308 8.97 5.43 22.04
CA TYR B 308 9.84 5.60 20.88
C TYR B 308 11.12 4.81 21.10
N THR B 309 11.51 4.01 20.13
CA THR B 309 12.71 3.22 20.30
C THR B 309 13.31 2.93 18.94
N ASP B 310 14.49 2.29 18.98
CA ASP B 310 15.34 2.10 17.81
C ASP B 310 16.18 0.84 17.98
N SER B 311 16.86 0.47 16.90
CA SER B 311 17.78 -0.68 16.87
C SER B 311 17.04 -1.90 17.44
N GLU B 312 17.58 -2.57 18.47
CA GLU B 312 17.08 -3.89 18.90
C GLU B 312 15.67 -3.78 19.45
N MET B 313 15.41 -2.75 20.24
CA MET B 313 14.10 -2.57 20.82
C MET B 313 13.06 -2.06 19.84
N ALA B 314 13.45 -1.57 18.65
CA ALA B 314 12.42 -1.41 17.63
C ALA B 314 12.03 -2.76 17.05
N ASN B 315 13.03 -3.63 16.86
CA ASN B 315 12.81 -4.97 16.33
C ASN B 315 12.00 -5.81 17.30
N TYR B 316 12.14 -5.52 18.59
CA TYR B 316 11.38 -6.24 19.60
C TYR B 316 9.92 -5.84 19.57
N TRP B 317 9.63 -4.58 19.28
CA TRP B 317 8.24 -4.17 19.28
C TRP B 317 7.55 -4.46 17.96
N ARG B 318 8.28 -4.47 16.85
CA ARG B 318 7.65 -4.91 15.61
C ARG B 318 7.33 -6.40 15.70
N GLY B 319 8.19 -7.14 16.41
CA GLY B 319 7.96 -8.57 16.58
C GLY B 319 6.79 -8.88 17.48
N CYS B 320 6.45 -7.96 18.37
CA CYS B 320 5.34 -8.16 19.29
C CYS B 320 4.02 -7.82 18.61
N VAL B 321 3.98 -6.67 17.96
CA VAL B 321 2.85 -6.27 17.13
C VAL B 321 2.42 -7.43 16.23
N ALA B 322 3.39 -8.18 15.72
CA ALA B 322 3.12 -9.28 14.82
C ALA B 322 2.40 -10.44 15.53
N GLU B 323 2.42 -10.46 16.85
CA GLU B 323 1.80 -11.51 17.63
C GLU B 323 0.47 -11.09 18.25
N GLY B 324 -0.18 -10.06 17.70
CA GLY B 324 -1.53 -9.74 18.10
C GLY B 324 -1.70 -8.44 18.84
N GLU B 325 -2.69 -7.64 18.41
CA GLU B 325 -3.03 -6.40 19.12
C GLU B 325 -3.11 -6.60 20.62
N ASP B 326 -3.43 -7.82 21.04
CA ASP B 326 -3.79 -8.09 22.43
C ASP B 326 -2.56 -8.06 23.33
N GLY B 327 -1.46 -8.67 22.88
CA GLY B 327 -0.24 -8.75 23.70
C GLY B 327 0.52 -7.44 23.73
N TYR B 328 0.73 -6.84 22.55
CA TYR B 328 1.32 -5.51 22.43
C TYR B 328 0.62 -4.52 23.35
N LEU B 329 -0.70 -4.48 23.31
CA LEU B 329 -1.40 -3.56 24.19
C LEU B 329 -1.12 -3.88 25.65
N GLU B 330 -0.85 -5.15 25.96
CA GLU B 330 -0.75 -5.57 27.35
C GLU B 330 0.64 -5.36 27.91
N GLN B 331 1.68 -5.75 27.16
CA GLN B 331 3.05 -5.47 27.59
CA GLN B 331 3.03 -5.48 27.62
C GLN B 331 3.28 -3.98 27.77
N ILE B 332 2.69 -3.15 26.90
CA ILE B 332 2.81 -1.71 27.07
C ILE B 332 2.31 -1.27 28.44
N ARG B 333 1.16 -1.79 28.88
CA ARG B 333 0.64 -1.42 30.21
C ARG B 333 1.51 -1.99 31.32
N THR B 334 2.04 -3.20 31.12
CA THR B 334 2.94 -3.80 32.09
C THR B 334 4.14 -2.89 32.37
N HIS B 335 4.78 -2.40 31.31
CA HIS B 335 5.98 -1.59 31.46
C HIS B 335 5.69 -0.13 31.84
N LEU B 336 4.52 0.40 31.53
CA LEU B 336 4.21 1.75 32.02
C LEU B 336 4.04 1.77 33.52
N ALA B 337 3.62 0.64 34.09
CA ALA B 337 3.48 0.56 35.53
C ALA B 337 4.84 0.58 36.18
N SER B 338 5.78 -0.19 35.65
CA SER B 338 7.14 -0.14 36.17
C SER B 338 7.74 1.25 36.07
N ALA B 339 7.41 1.98 35.01
CA ALA B 339 7.96 3.32 34.83
C ALA B 339 7.56 4.25 35.96
N LEU B 340 6.28 4.22 36.33
CA LEU B 340 5.72 5.11 37.35
C LEU B 340 5.80 4.54 38.77
N GLY B 341 6.36 3.35 38.93
CA GLY B 341 6.43 2.75 40.25
C GLY B 341 5.08 2.52 40.86
N ILE B 342 4.18 1.87 40.12
CA ILE B 342 2.83 1.57 40.56
C ILE B 342 2.48 0.15 40.10
N VAL B 343 1.27 -0.26 40.41
CA VAL B 343 0.75 -1.54 39.93
C VAL B 343 -0.07 -1.28 38.68
N ARG B 344 -0.07 -2.25 37.77
CA ARG B 344 -0.69 -2.05 36.46
C ARG B 344 -2.18 -1.76 36.52
N GLU B 345 -2.79 -1.90 37.68
CA GLU B 345 -4.22 -1.65 37.78
C GLU B 345 -4.55 -0.16 37.80
N ARG B 346 -3.57 0.71 38.05
CA ARG B 346 -3.82 2.14 38.01
CA ARG B 346 -3.89 2.13 38.00
C ARG B 346 -3.83 2.70 36.59
N ILE B 347 -3.45 1.89 35.61
CA ILE B 347 -3.32 2.30 34.21
C ILE B 347 -4.58 1.86 33.45
N PRO B 348 -5.36 2.78 32.93
CA PRO B 348 -6.60 2.39 32.23
C PRO B 348 -6.25 1.73 30.92
N GLN B 349 -7.26 1.21 30.30
CA GLN B 349 -7.06 0.69 28.96
CA GLN B 349 -7.02 0.69 28.96
C GLN B 349 -7.24 1.80 27.93
N PRO B 350 -6.48 1.80 26.84
CA PRO B 350 -6.60 2.89 25.86
C PRO B 350 -7.83 2.75 24.99
N LEU B 351 -8.21 3.90 24.40
CA LEU B 351 -9.31 3.94 23.44
C LEU B 351 -8.82 3.63 22.03
N ALA B 352 -7.91 4.45 21.50
CA ALA B 352 -7.29 4.24 20.21
C ALA B 352 -5.79 4.03 20.40
N HIS B 353 -5.10 3.71 19.31
CA HIS B 353 -3.65 3.58 19.34
C HIS B 353 -3.14 3.33 17.91
N VAL B 354 -1.87 3.69 17.67
CA VAL B 354 -1.23 3.50 16.37
C VAL B 354 0.27 3.30 16.59
N HIS B 355 0.93 2.71 15.60
CA HIS B 355 2.32 2.34 15.71
C HIS B 355 2.95 2.32 14.32
N LYS B 356 4.26 2.58 14.25
CA LYS B 356 4.98 2.50 12.98
C LYS B 356 6.37 1.92 13.17
N TYR B 357 6.68 0.87 12.40
CA TYR B 357 8.02 0.34 12.26
C TYR B 357 8.63 0.94 11.01
N TRP B 358 9.80 1.50 11.14
CA TRP B 358 10.55 1.98 10.01
C TRP B 358 11.73 1.04 9.86
N ALA B 359 11.74 0.24 8.79
CA ALA B 359 12.80 -0.73 8.64
C ALA B 359 14.15 -0.05 8.59
N HIS B 360 14.26 1.10 7.89
CA HIS B 360 15.50 1.85 7.80
C HIS B 360 15.18 3.28 8.23
N GLY B 361 14.88 3.44 9.51
CA GLY B 361 14.52 4.73 10.07
C GLY B 361 15.51 5.84 9.84
N VAL B 362 16.75 5.67 10.29
CA VAL B 362 17.80 6.63 10.02
C VAL B 362 18.87 5.90 9.24
N GLU B 363 19.33 6.53 8.16
CA GLU B 363 20.43 6.02 7.35
C GLU B 363 21.61 6.93 7.57
N PHE B 364 22.77 6.32 7.78
CA PHE B 364 24.01 7.04 8.09
C PHE B 364 25.27 6.61 7.37
N CYS B 365 26.26 7.50 7.38
CA CYS B 365 27.54 7.34 6.67
C CYS B 365 28.59 6.29 6.95
N ARG B 366 28.96 6.09 8.21
CA ARG B 366 29.99 5.13 8.62
C ARG B 366 31.16 4.88 7.68
N ASP B 369 35.44 7.69 1.07
CA ASP B 369 36.45 8.66 1.52
C ASP B 369 35.78 9.73 2.37
N ILE B 370 36.49 10.18 3.43
CA ILE B 370 35.96 11.13 4.40
C ILE B 370 35.82 12.53 3.79
N ASP B 371 36.24 12.66 2.53
CA ASP B 371 35.90 13.80 1.70
C ASP B 371 34.70 13.40 0.85
N HIS B 372 33.50 13.79 1.30
CA HIS B 372 32.26 13.45 0.63
C HIS B 372 31.46 14.74 0.44
N PRO B 373 30.89 14.97 -0.73
CA PRO B 373 30.08 16.17 -0.93
C PRO B 373 28.65 15.90 -0.46
N SER B 374 27.85 16.96 -0.46
CA SER B 374 26.49 16.87 0.03
C SER B 374 25.54 16.22 -0.98
N ALA B 375 26.02 15.85 -2.17
CA ALA B 375 25.24 15.07 -3.12
C ALA B 375 26.19 14.30 -4.02
N LEU B 376 25.97 13.00 -4.16
CA LEU B 376 26.85 12.11 -4.91
C LEU B 376 26.55 12.17 -6.41
N SER B 377 27.45 11.54 -7.17
CA SER B 377 27.32 11.43 -8.62
C SER B 377 27.93 10.12 -9.08
N HIS B 378 27.30 9.54 -10.10
CA HIS B 378 27.89 8.40 -10.77
C HIS B 378 29.09 8.84 -11.60
N ARG B 379 30.15 8.06 -11.53
CA ARG B 379 31.28 8.28 -12.43
C ARG B 379 30.84 8.11 -13.89
N ASP B 380 30.05 7.09 -14.16
CA ASP B 380 29.89 6.58 -15.52
C ASP B 380 28.69 7.14 -16.25
N SER B 381 27.57 7.40 -15.56
CA SER B 381 26.35 7.79 -16.25
C SER B 381 25.84 9.17 -15.86
N GLY B 382 26.57 9.93 -15.05
CA GLY B 382 26.17 11.31 -14.78
C GLY B 382 24.82 11.46 -14.09
N ILE B 383 24.46 10.51 -13.21
CA ILE B 383 23.28 10.63 -12.36
C ILE B 383 23.69 11.26 -11.04
N ILE B 384 22.79 12.04 -10.44
CA ILE B 384 23.05 12.67 -9.16
C ILE B 384 22.08 12.12 -8.11
N ALA B 385 22.60 11.90 -6.90
CA ALA B 385 21.86 11.34 -5.77
C ALA B 385 21.68 12.39 -4.68
N CYS B 386 20.55 12.34 -3.99
CA CYS B 386 20.15 13.43 -3.11
C CYS B 386 19.47 12.87 -1.86
N SER B 387 19.99 13.20 -0.67
CA SER B 387 19.64 12.43 0.51
C SER B 387 20.24 13.06 1.76
N ASP B 388 19.48 13.03 2.87
CA ASP B 388 20.00 13.36 4.19
C ASP B 388 21.27 12.58 4.53
N ALA B 389 21.47 11.43 3.92
CA ALA B 389 22.53 10.54 4.36
C ALA B 389 23.92 11.00 3.95
N TYR B 390 24.04 11.84 2.92
CA TYR B 390 25.35 12.29 2.44
C TYR B 390 25.69 13.68 2.94
N THR B 391 25.35 13.99 4.18
CA THR B 391 25.68 15.28 4.76
C THR B 391 26.17 15.09 6.19
N GLU B 392 26.67 16.19 6.75
CA GLU B 392 27.07 16.29 8.15
C GLU B 392 25.87 16.16 9.08
N HIS B 393 24.67 16.06 8.49
CA HIS B 393 23.41 16.01 9.21
C HIS B 393 22.64 14.72 8.94
N CYS B 394 23.34 13.61 8.69
CA CYS B 394 22.67 12.37 8.35
C CYS B 394 21.69 12.00 9.46
N GLY B 395 20.49 11.57 9.04
CA GLY B 395 19.39 11.32 9.93
C GLY B 395 18.52 12.52 10.24
N TRP B 396 18.85 13.72 9.71
CA TRP B 396 17.99 14.86 9.97
C TRP B 396 17.40 15.40 8.67
N MET B 397 16.34 16.17 8.82
CA MET B 397 15.67 16.74 7.67
C MET B 397 16.53 17.80 7.01
N GLU B 398 17.28 18.55 7.81
CA GLU B 398 18.19 19.52 7.25
C GLU B 398 19.29 18.88 6.42
N GLY B 399 19.68 17.65 6.75
CA GLY B 399 20.51 16.89 5.82
C GLY B 399 19.89 16.82 4.43
N GLY B 400 18.57 16.66 4.37
CA GLY B 400 17.91 16.61 3.08
C GLY B 400 18.03 17.91 2.32
N LEU B 401 17.83 19.04 3.00
CA LEU B 401 17.85 20.33 2.31
C LEU B 401 19.25 20.66 1.77
N LEU B 402 20.29 20.23 2.45
CA LEU B 402 21.63 20.57 2.01
C LEU B 402 22.15 19.62 0.96
N SER B 403 21.45 18.51 0.75
CA SER B 403 21.74 17.63 -0.35
C SER B 403 20.96 18.07 -1.58
N ALA B 404 19.74 18.56 -1.36
CA ALA B 404 18.95 19.08 -2.46
C ALA B 404 19.62 20.30 -3.07
N ARG B 405 20.03 21.27 -2.23
CA ARG B 405 20.67 22.47 -2.78
C ARG B 405 22.02 22.15 -3.41
N GLU B 406 22.70 21.11 -2.92
CA GLU B 406 23.93 20.67 -3.60
C GLU B 406 23.61 19.93 -4.89
N ALA B 407 22.72 18.93 -4.82
CA ALA B 407 22.40 18.16 -6.01
C ALA B 407 21.76 19.03 -7.07
N SER B 408 20.79 19.85 -6.68
CA SER B 408 20.10 20.65 -7.69
C SER B 408 21.07 21.57 -8.40
N ARG B 409 22.08 22.07 -7.69
CA ARG B 409 23.04 22.91 -8.40
C ARG B 409 24.00 22.08 -9.25
N LEU B 410 24.37 20.88 -8.80
CA LEU B 410 25.15 19.97 -9.63
C LEU B 410 24.53 19.70 -10.99
N LEU B 411 23.25 20.06 -11.19
CA LEU B 411 22.51 19.77 -12.41
C LEU B 411 22.49 20.93 -13.39
N LEU B 412 22.24 22.16 -12.91
CA LEU B 412 22.39 23.31 -13.80
C LEU B 412 23.82 23.40 -14.33
N GLN B 413 24.79 22.93 -13.55
CA GLN B 413 26.15 22.75 -14.04
C GLN B 413 26.18 21.91 -15.31
N ARG B 414 25.20 21.02 -15.50
CA ARG B 414 25.20 20.15 -16.67
C ARG B 414 24.15 20.51 -17.71
N ILE B 415 23.16 21.36 -17.40
CA ILE B 415 22.34 21.92 -18.48
C ILE B 415 23.01 23.17 -19.06
N ALA B 416 23.97 23.76 -18.34
CA ALA B 416 25.00 24.59 -18.96
C ALA B 416 26.13 23.67 -19.46
N ALA B 417 25.76 22.82 -20.42
CA ALA B 417 26.53 21.64 -20.83
C ALA B 417 27.85 21.98 -21.54
PA FAD C . -9.45 -12.86 -4.54
O1A FAD C . -10.66 -11.96 -4.46
O2A FAD C . -8.44 -12.53 -5.61
O5B FAD C . -8.73 -12.86 -3.15
C5B FAD C . -7.40 -13.33 -3.22
C4B FAD C . -6.75 -12.90 -1.97
O4B FAD C . -5.49 -13.68 -1.83
C3B FAD C . -6.50 -11.48 -2.13
O3B FAD C . -6.68 -10.77 -0.88
C2B FAD C . -5.07 -11.43 -2.45
O2B FAD C . -4.59 -10.13 -2.04
C1B FAD C . -4.53 -12.58 -1.68
N9A FAD C . -3.22 -12.97 -2.02
C8A FAD C . -2.71 -13.13 -3.11
N7A FAD C . -1.65 -13.37 -3.18
C5A FAD C . -0.94 -13.46 -2.20
C6A FAD C . 0.49 -13.70 -1.56
N6A FAD C . 1.61 -14.00 -2.35
N1A FAD C . 0.57 -13.58 -0.13
C2A FAD C . -0.45 -13.31 0.52
N3A FAD C . -1.55 -13.10 0.14
C4A FAD C . -1.99 -13.14 -0.99
N1 FAD C . -17.83 -11.75 -9.37
C2 FAD C . -19.28 -11.92 -9.25
O2 FAD C . -19.68 -12.97 -8.85
N3 FAD C . -20.22 -10.91 -9.64
C4 FAD C . -19.76 -9.71 -10.11
O4 FAD C . -20.50 -8.78 -10.39
C4X FAD C . -18.32 -9.53 -10.25
N5 FAD C . -17.86 -8.39 -10.71
C5X FAD C . -16.41 -8.20 -10.81
C6 FAD C . -15.99 -6.97 -11.27
C7 FAD C . -14.63 -6.70 -11.38
C7M FAD C . -14.20 -5.34 -11.92
C8 FAD C . -13.71 -7.66 -11.01
C8M FAD C . -12.22 -7.34 -11.17
C9 FAD C . -14.11 -8.91 -10.53
C9A FAD C . -15.50 -9.18 -10.41
N10 FAD C . -15.99 -10.43 -9.91
C10 FAD C . -17.37 -10.62 -9.83
C1' FAD C . -15.08 -11.54 -9.51
C2' FAD C . -14.83 -11.68 -8.02
O2' FAD C . -14.30 -10.52 -7.51
C3' FAD C . -13.81 -12.81 -7.84
O3' FAD C . -14.04 -13.88 -8.72
C4' FAD C . -13.85 -13.35 -6.43
O4' FAD C . -14.01 -12.30 -5.51
C5' FAD C . -12.54 -14.07 -6.19
O5' FAD C . -12.47 -14.50 -4.85
P FAD C . -11.11 -15.08 -4.28
O1P FAD C . -11.23 -14.86 -2.80
O2P FAD C . -10.79 -16.51 -4.62
O3P FAD C . -9.84 -14.34 -4.85
C10 E95 D . -14.73 -12.99 -18.05
N01 E95 D . -15.25 -9.13 -19.31
C02 E95 D . -15.76 -8.54 -18.26
C03 E95 D . -15.89 -9.46 -17.24
C04 E95 D . -15.41 -10.68 -17.76
C05 E95 D . -15.04 -10.41 -19.05
C06 E95 D . -14.50 -11.43 -19.84
C07 E95 D . -14.10 -11.09 -21.29
C08 E95 D . -14.35 -12.70 -19.35
C09 E95 D . -15.25 -11.98 -17.25
C11 E95 D . -16.43 -9.16 -15.84
CA E95 D . -17.30 -10.26 -15.24
N E95 D . -17.67 -11.23 -16.24
C E95 D . -18.54 -9.64 -14.65
O E95 D . -19.15 -10.19 -13.70
OXT E95 D . -18.97 -8.58 -15.13
MG MG E . -9.49 -15.51 -0.67
PA FAD F . 12.81 10.09 2.51
O1A FAD F . 12.02 10.87 3.50
O2A FAD F . 13.36 8.82 3.07
O5B FAD F . 11.78 9.96 1.32
C5B FAD F . 12.29 9.31 0.19
C4B FAD F . 11.16 9.16 -0.74
O4B FAD F . 11.64 8.37 -1.92
C3B FAD F . 10.08 8.40 -0.12
O3B FAD F . 8.82 9.07 -0.32
C2B FAD F . 10.07 7.08 -0.77
O2B FAD F . 8.74 6.54 -0.82
C1B FAD F . 10.55 7.37 -2.11
N9A FAD F . 11.20 6.30 -2.69
C8A FAD F . 12.11 5.63 -2.24
N7A FAD F . 12.54 4.84 -2.83
C5A FAD F . 12.18 4.59 -3.94
C6A FAD F . 12.28 3.70 -5.26
N6A FAD F . 13.21 2.64 -5.34
N1A FAD F . 11.38 4.04 -6.32
C2A FAD F . 10.61 4.97 -6.15
N3A FAD F . 10.45 5.68 -5.21
C4A FAD F . 11.00 5.70 -4.15
N1 FAD F . 14.46 14.22 11.27
C2 FAD F . 14.49 15.51 12.00
O2 FAD F . 15.12 16.40 11.49
N3 FAD F . 13.82 15.63 13.26
C4 FAD F . 13.10 14.58 13.79
O4 FAD F . 12.41 14.72 14.79
C4X FAD F . 13.10 13.29 13.06
N5 FAD F . 12.43 12.24 13.52
C5X FAD F . 12.42 10.99 12.74
C6 FAD F . 11.74 9.87 13.23
C7 FAD F . 11.70 8.67 12.51
C7M FAD F . 10.94 7.48 13.09
C8 FAD F . 12.35 8.59 11.31
C8M FAD F . 12.32 7.30 10.52
C9 FAD F . 13.05 9.68 10.81
C9A FAD F . 13.08 10.90 11.52
N10 FAD F . 13.79 12.02 11.01
C10 FAD F . 13.82 13.20 11.75
C1' FAD F . 14.53 11.93 9.71
C2' FAD F . 13.93 12.72 8.59
O2' FAD F . 12.58 12.45 8.56
C3' FAD F . 14.63 12.20 7.35
O3' FAD F . 16.02 12.23 7.56
C4' FAD F . 14.24 13.02 6.16
O4' FAD F . 12.83 13.13 6.14
C5' FAD F . 14.74 12.28 4.91
O5' FAD F . 14.05 12.76 3.77
P FAD F . 14.54 12.37 2.32
O1P FAD F . 13.87 13.36 1.39
O2P FAD F . 16.03 12.29 2.28
O3P FAD F . 14.07 10.89 1.92
C10 E95 G . 20.92 9.65 14.17
N01 E95 G . 18.08 7.74 16.37
C02 E95 G . 17.06 8.55 16.26
C03 E95 G . 17.40 9.63 15.48
C04 E95 G . 18.73 9.42 15.12
C05 E95 G . 19.11 8.23 15.68
C06 E95 G . 20.40 7.74 15.50
C07 E95 G . 20.83 6.43 16.12
C08 E95 G . 21.30 8.44 14.74
C09 E95 G . 19.65 10.13 14.36
C11 E95 G . 16.50 10.82 15.13
CA E95 G . 16.09 11.59 16.38
N E95 G . 16.07 10.74 17.55
C E95 G . 14.70 12.19 16.33
O E95 G . 13.67 11.47 16.26
OXT E95 G . 14.59 13.43 16.38
MG MG H . 13.34 12.31 -1.53
#